data_6F2U
#
_entry.id   6F2U
#
_cell.length_a   41.046
_cell.length_b   53.936
_cell.length_c   76.714
_cell.angle_alpha   102.12
_cell.angle_beta   85.42
_cell.angle_gamma   103.69
#
_symmetry.space_group_name_H-M   'P 1'
#
loop_
_entity.id
_entity.type
_entity.pdbx_description
1 polymer 'Aldo-keto reductase family 1 member C3'
2 non-polymer 'NADP NICOTINAMIDE-ADENINE-DINUCLEOTIDE PHOSPHATE'
3 non-polymer 3-[(4-methoxyphenyl)methyl]-5-oxidanyl-~{N}-[3-(trifluoromethyl)phenyl]-1,2,3-triazole-4-carboxamide
4 water water
#
_entity_poly.entity_id   1
_entity_poly.type   'polypeptide(L)'
_entity_poly.pdbx_seq_one_letter_code
;QCVKLNDGHFMPVLGFGTYAPPEVPRSKALEVTKLAIEAGFRHIDSAHLYNNEEQVGLAIRSKIADGSVKREDIFYTSKL
WSTFHRPELVRPALENSLKKAQLDYVDLYLIHSPMSLKPGEELSPTDENGKVIFDIVDLCTTWEAMEKCKDAGLAKSIGV
SNFNRRQLEMILNKPGLKYKPVCNQVECHPYFNRSKLLDFCKSKDIVLVAYSALGSQRDKRWVDPNSPVLLEDPVLCALA
KKHKRTPALIALRYQLQRGVVVLAKSYNEQRIRQNVQVFEFQLTAEDMKAIDGLDRNLHYFNSDSFASHPNYPY
;
_entity_poly.pdbx_strand_id   A,B
#
loop_
_chem_comp.id
_chem_comp.type
_chem_comp.name
_chem_comp.formula
CJ2 non-polymer 3-[(4-methoxyphenyl)methyl]-5-oxidanyl-~{N}-[3-(trifluoromethyl)phenyl]-1,2,3-triazole-4-carboxamide 'C18 H15 F3 N4 O3'
NAP non-polymer 'NADP NICOTINAMIDE-ADENINE-DINUCLEOTIDE PHOSPHATE' 'C21 H28 N7 O17 P3'
#
# COMPACT_ATOMS: atom_id res chain seq x y z
N GLN A 1 18.97 -17.42 21.74
CA GLN A 1 17.89 -16.71 22.44
C GLN A 1 16.54 -17.02 21.80
N CYS A 2 15.49 -17.00 22.64
CA CYS A 2 14.15 -17.40 22.26
C CYS A 2 13.14 -16.34 22.67
N VAL A 3 11.95 -16.41 22.08
CA VAL A 3 10.80 -15.59 22.46
C VAL A 3 9.70 -16.53 22.94
N LYS A 4 8.95 -16.11 23.95
CA LYS A 4 7.86 -16.92 24.47
C LYS A 4 6.62 -16.75 23.60
N LEU A 5 5.97 -17.86 23.25
CA LEU A 5 4.78 -17.77 22.42
C LEU A 5 3.54 -17.70 23.29
N ASN A 6 2.44 -17.24 22.69
CA ASN A 6 1.23 -17.06 23.49
C ASN A 6 0.58 -18.38 23.91
N ASP A 7 1.14 -19.56 23.60
CA ASP A 7 0.64 -20.81 24.16
C ASP A 7 1.60 -21.45 25.14
N GLY A 8 2.69 -20.75 25.50
CA GLY A 8 3.66 -21.24 26.45
C GLY A 8 4.95 -21.76 25.85
N HIS A 9 4.97 -22.08 24.57
CA HIS A 9 6.19 -22.62 23.97
C HIS A 9 7.16 -21.51 23.59
N PHE A 10 8.39 -21.90 23.26
CA PHE A 10 9.47 -20.97 22.96
C PHE A 10 9.98 -21.20 21.54
N MET A 11 10.26 -20.11 20.83
CA MET A 11 10.68 -20.14 19.43
C MET A 11 12.02 -19.43 19.29
N PRO A 12 13.07 -20.09 18.79
CA PRO A 12 14.34 -19.37 18.58
C PRO A 12 14.18 -18.23 17.59
N VAL A 13 14.87 -17.11 17.85
CA VAL A 13 14.58 -15.88 17.14
C VAL A 13 15.25 -15.80 15.77
N LEU A 14 16.26 -16.64 15.52
CA LEU A 14 16.85 -16.79 14.18
C LEU A 14 16.52 -18.19 13.64
N GLY A 15 15.91 -18.25 12.46
CA GLY A 15 15.53 -19.51 11.84
C GLY A 15 16.24 -19.72 10.50
N PHE A 16 16.40 -20.99 10.12
CA PHE A 16 17.09 -21.37 8.89
C PHE A 16 16.03 -21.70 7.82
N GLY A 17 16.10 -21.02 6.68
CA GLY A 17 15.14 -21.25 5.61
C GLY A 17 15.66 -22.31 4.64
N THR A 18 14.82 -23.29 4.32
CA THR A 18 15.32 -24.45 3.58
C THR A 18 14.86 -24.52 2.13
N TYR A 19 14.08 -23.57 1.61
CA TYR A 19 13.62 -23.70 0.23
C TYR A 19 14.78 -23.50 -0.75
N ALA A 20 14.88 -24.41 -1.72
CA ALA A 20 15.78 -24.28 -2.87
C ALA A 20 15.02 -24.69 -4.13
N PRO A 21 15.28 -24.03 -5.27
CA PRO A 21 14.52 -24.29 -6.50
C PRO A 21 14.86 -25.65 -7.08
N PRO A 22 14.03 -26.17 -8.01
CA PRO A 22 14.21 -27.56 -8.48
C PRO A 22 15.56 -27.82 -9.14
N GLU A 23 16.26 -26.80 -9.61
CA GLU A 23 17.60 -26.97 -10.15
C GLU A 23 18.58 -27.49 -9.09
N VAL A 24 18.32 -27.22 -7.82
CA VAL A 24 19.23 -27.62 -6.75
C VAL A 24 18.95 -29.09 -6.45
N PRO A 25 19.94 -29.97 -6.58
CA PRO A 25 19.71 -31.39 -6.26
C PRO A 25 19.26 -31.56 -4.82
N ARG A 26 18.37 -32.53 -4.60
CA ARG A 26 17.74 -32.70 -3.30
C ARG A 26 18.73 -33.06 -2.20
N SER A 27 19.86 -33.68 -2.55
CA SER A 27 20.85 -34.01 -1.54
C SER A 27 21.40 -32.79 -0.82
N LYS A 28 21.36 -31.61 -1.45
CA LYS A 28 21.89 -30.41 -0.81
C LYS A 28 21.12 -30.02 0.44
N ALA A 29 19.82 -30.29 0.49
CA ALA A 29 19.03 -29.95 1.66
C ALA A 29 19.52 -30.69 2.90
N LEU A 30 19.93 -31.94 2.73
CA LEU A 30 20.53 -32.70 3.83
C LEU A 30 21.83 -32.06 4.30
N GLU A 31 22.75 -31.79 3.36
CA GLU A 31 24.06 -31.27 3.72
C GLU A 31 23.97 -29.91 4.42
N VAL A 32 23.17 -28.99 3.87
CA VAL A 32 23.16 -27.64 4.40
C VAL A 32 22.39 -27.54 5.72
N THR A 33 21.35 -28.36 5.92
CA THR A 33 20.67 -28.31 7.21
C THR A 33 21.57 -28.83 8.32
N LYS A 34 22.38 -29.86 8.02
CA LYS A 34 23.39 -30.29 8.98
C LYS A 34 24.37 -29.15 9.28
N LEU A 35 24.83 -28.45 8.25
CA LEU A 35 25.74 -27.34 8.46
C LEU A 35 25.08 -26.22 9.26
N ALA A 36 23.78 -25.99 9.02
CA ALA A 36 23.08 -24.96 9.77
C ALA A 36 23.03 -25.29 11.26
N ILE A 37 22.77 -26.55 11.59
CA ILE A 37 22.75 -26.92 13.00
C ILE A 37 24.15 -26.82 13.62
N GLU A 38 25.17 -27.32 12.91
CA GLU A 38 26.53 -27.21 13.41
C GLU A 38 26.94 -25.78 13.63
N ALA A 39 26.46 -24.86 12.79
CA ALA A 39 26.81 -23.46 12.94
C ALA A 39 26.06 -22.75 14.08
N GLY A 40 24.94 -23.31 14.53
CA GLY A 40 24.21 -22.76 15.65
C GLY A 40 22.72 -22.52 15.47
N PHE A 41 22.18 -22.76 14.28
CA PHE A 41 20.73 -22.61 14.08
C PHE A 41 19.99 -23.70 14.86
N ARG A 42 18.89 -23.30 15.53
CA ARG A 42 18.02 -24.25 16.23
C ARG A 42 16.57 -24.21 15.73
N HIS A 43 16.23 -23.27 14.86
CA HIS A 43 14.89 -23.07 14.30
C HIS A 43 15.00 -23.40 12.82
N ILE A 44 14.21 -24.37 12.36
CA ILE A 44 14.35 -24.91 11.01
C ILE A 44 13.01 -24.82 10.30
N ASP A 45 12.94 -24.06 9.19
CA ASP A 45 11.68 -23.78 8.49
C ASP A 45 11.58 -24.58 7.19
N SER A 46 10.61 -25.51 7.11
CA SER A 46 10.33 -26.27 5.89
C SER A 46 8.82 -26.28 5.57
N ALA A 47 8.37 -27.17 4.66
CA ALA A 47 6.97 -27.18 4.20
C ALA A 47 6.75 -28.35 3.24
N HIS A 48 5.48 -28.79 3.15
CA HIS A 48 5.11 -29.78 2.15
C HIS A 48 5.45 -29.31 0.75
N LEU A 49 5.21 -28.02 0.46
CA LEU A 49 5.52 -27.44 -0.85
C LEU A 49 6.99 -27.61 -1.25
N TYR A 50 7.91 -27.60 -0.29
CA TYR A 50 9.31 -27.48 -0.67
C TYR A 50 9.90 -28.77 -1.22
N ASN A 51 9.20 -29.90 -1.11
CA ASN A 51 9.74 -31.18 -1.56
C ASN A 51 11.13 -31.42 -0.99
N ASN A 52 11.27 -31.19 0.32
CA ASN A 52 12.54 -31.50 0.97
C ASN A 52 12.41 -32.02 2.41
N GLU A 53 11.20 -32.35 2.88
CA GLU A 53 11.03 -32.77 4.26
C GLU A 53 11.78 -34.06 4.58
N GLU A 54 11.90 -34.97 3.60
CA GLU A 54 12.66 -36.20 3.83
C GLU A 54 14.12 -35.88 4.17
N GLN A 55 14.73 -34.95 3.43
CA GLN A 55 16.13 -34.64 3.62
C GLN A 55 16.36 -33.74 4.84
N VAL A 56 15.45 -32.78 5.07
CA VAL A 56 15.56 -31.92 6.26
C VAL A 56 15.36 -32.75 7.52
N GLY A 57 14.38 -33.65 7.51
CA GLY A 57 14.18 -34.53 8.65
C GLY A 57 15.39 -35.43 8.91
N LEU A 58 16.01 -35.93 7.83
CA LEU A 58 17.18 -36.78 8.00
C LEU A 58 18.35 -35.99 8.60
N ALA A 59 18.47 -34.71 8.26
CA ALA A 59 19.55 -33.92 8.85
C ALA A 59 19.34 -33.74 10.34
N ILE A 60 18.11 -33.44 10.76
CA ILE A 60 17.81 -33.26 12.19
C ILE A 60 18.08 -34.56 12.94
N ARG A 61 17.55 -35.68 12.43
CA ARG A 61 17.78 -36.98 13.08
C ARG A 61 19.26 -37.31 13.23
N SER A 62 20.07 -37.01 12.21
CA SER A 62 21.49 -37.32 12.28
C SER A 62 22.20 -36.49 13.35
N LYS A 63 21.80 -35.23 13.53
CA LYS A 63 22.48 -34.40 14.52
C LYS A 63 22.03 -34.75 15.93
N ILE A 64 20.82 -35.30 16.08
CA ILE A 64 20.43 -35.92 17.34
C ILE A 64 21.21 -37.21 17.57
N ALA A 65 21.28 -38.07 16.56
CA ALA A 65 21.92 -39.38 16.71
C ALA A 65 23.43 -39.29 16.88
N ASP A 66 24.10 -38.31 16.26
CA ASP A 66 25.53 -38.14 16.50
C ASP A 66 25.81 -37.43 17.81
N GLY A 67 24.77 -37.00 18.53
CA GLY A 67 24.93 -36.45 19.87
C GLY A 67 25.23 -34.97 19.94
N SER A 68 24.99 -34.22 18.85
CA SER A 68 25.20 -32.78 18.86
C SER A 68 24.08 -32.05 19.59
N VAL A 69 22.83 -32.47 19.37
CA VAL A 69 21.66 -31.84 19.95
C VAL A 69 20.67 -32.92 20.40
N LYS A 70 19.66 -32.49 21.16
CA LYS A 70 18.49 -33.30 21.49
C LYS A 70 17.28 -32.76 20.73
N ARG A 71 16.27 -33.63 20.55
CA ARG A 71 15.07 -33.20 19.82
C ARG A 71 14.46 -31.96 20.43
N GLU A 72 14.47 -31.87 21.77
CA GLU A 72 13.91 -30.72 22.48
C GLU A 72 14.68 -29.43 22.22
N ASP A 73 15.92 -29.51 21.72
CA ASP A 73 16.67 -28.32 21.34
C ASP A 73 16.26 -27.77 19.97
N ILE A 74 15.67 -28.59 19.10
CA ILE A 74 15.35 -28.21 17.72
C ILE A 74 13.89 -27.77 17.62
N PHE A 75 13.65 -26.62 16.96
CA PHE A 75 12.33 -26.10 16.67
C PHE A 75 12.08 -26.28 15.17
N TYR A 76 11.27 -27.28 14.79
CA TYR A 76 11.03 -27.61 13.40
C TYR A 76 9.64 -27.15 12.96
N THR A 77 9.55 -26.45 11.83
CA THR A 77 8.28 -25.96 11.30
C THR A 77 7.95 -26.68 9.99
N SER A 78 6.69 -27.10 9.84
CA SER A 78 6.13 -27.45 8.53
C SER A 78 4.88 -26.62 8.28
N LYS A 79 4.28 -26.84 7.11
CA LYS A 79 3.16 -26.01 6.65
C LYS A 79 2.15 -26.87 5.89
N LEU A 80 0.87 -26.61 6.14
CA LEU A 80 -0.25 -27.23 5.44
C LEU A 80 -0.43 -26.58 4.07
N TRP A 81 -0.34 -27.35 3.00
CA TRP A 81 -0.46 -26.75 1.68
C TRP A 81 -1.94 -26.50 1.35
N SER A 82 -2.17 -25.64 0.36
CA SER A 82 -3.45 -25.02 0.11
C SER A 82 -4.47 -25.94 -0.58
N THR A 83 -4.06 -27.10 -1.08
CA THR A 83 -5.03 -28.10 -1.53
C THR A 83 -5.57 -28.95 -0.40
N PHE A 84 -5.13 -28.71 0.84
CA PHE A 84 -5.52 -29.53 1.98
C PHE A 84 -6.32 -28.74 3.02
N HIS A 85 -6.93 -27.61 2.62
CA HIS A 85 -7.65 -26.75 3.57
C HIS A 85 -8.96 -27.37 4.06
N ARG A 86 -9.61 -28.20 3.26
CA ARG A 86 -10.84 -28.83 3.74
C ARG A 86 -10.54 -29.63 5.01
N PRO A 87 -11.34 -29.48 6.07
CA PRO A 87 -10.88 -29.90 7.40
C PRO A 87 -10.61 -31.40 7.54
N GLU A 88 -11.24 -32.26 6.75
CA GLU A 88 -10.95 -33.68 6.87
C GLU A 88 -9.58 -34.04 6.28
N LEU A 89 -8.95 -33.11 5.59
CA LEU A 89 -7.66 -33.36 4.97
C LEU A 89 -6.49 -32.82 5.81
N VAL A 90 -6.76 -32.07 6.88
CA VAL A 90 -5.71 -31.34 7.60
C VAL A 90 -4.82 -32.30 8.36
N ARG A 91 -5.41 -33.15 9.21
CA ARG A 91 -4.61 -34.10 9.98
C ARG A 91 -3.91 -35.13 9.09
N PRO A 92 -4.53 -35.71 8.06
CA PRO A 92 -3.75 -36.60 7.18
C PRO A 92 -2.55 -35.91 6.53
N ALA A 93 -2.71 -34.65 6.17
CA ALA A 93 -1.59 -33.90 5.60
C ALA A 93 -0.43 -33.78 6.59
N LEU A 94 -0.74 -33.51 7.85
CA LEU A 94 0.31 -33.40 8.87
C LEU A 94 0.95 -34.76 9.14
N GLU A 95 0.15 -35.82 9.24
CA GLU A 95 0.73 -37.14 9.48
C GLU A 95 1.63 -37.55 8.33
N ASN A 96 1.26 -37.18 7.11
CA ASN A 96 2.13 -37.42 5.96
C ASN A 96 3.47 -36.71 6.11
N SER A 97 3.43 -35.43 6.51
CA SER A 97 4.68 -34.68 6.69
C SER A 97 5.56 -35.31 7.76
N LEU A 98 4.96 -35.75 8.86
CA LEU A 98 5.71 -36.42 9.91
C LEU A 98 6.36 -37.70 9.41
N LYS A 99 5.61 -38.52 8.66
CA LYS A 99 6.17 -39.75 8.10
C LYS A 99 7.36 -39.46 7.17
N LYS A 100 7.25 -38.43 6.34
CA LYS A 100 8.34 -38.12 5.41
C LYS A 100 9.58 -37.63 6.16
N ALA A 101 9.40 -36.81 7.19
CA ALA A 101 10.50 -36.25 7.98
C ALA A 101 11.01 -37.20 9.05
N GLN A 102 10.30 -38.32 9.29
CA GLN A 102 10.68 -39.30 10.29
C GLN A 102 10.71 -38.69 11.68
N LEU A 103 9.77 -37.79 11.97
CA LEU A 103 9.62 -37.16 13.28
C LEU A 103 8.27 -37.53 13.89
N ASP A 104 8.21 -37.49 15.22
CA ASP A 104 6.94 -37.79 15.92
C ASP A 104 6.03 -36.58 16.03
N TYR A 105 6.60 -35.36 16.05
CA TYR A 105 5.80 -34.14 16.16
C TYR A 105 6.55 -33.01 15.47
N VAL A 106 5.81 -31.98 15.04
CA VAL A 106 6.43 -30.74 14.58
C VAL A 106 6.26 -29.70 15.67
N ASP A 107 7.25 -28.82 15.81
CA ASP A 107 7.10 -27.76 16.80
C ASP A 107 6.10 -26.71 16.35
N LEU A 108 5.89 -26.57 15.05
CA LEU A 108 5.04 -25.50 14.53
C LEU A 108 4.42 -25.95 13.21
N TYR A 109 3.09 -25.84 13.10
CA TYR A 109 2.38 -26.15 11.87
C TYR A 109 1.57 -24.93 11.45
N LEU A 110 1.78 -24.47 10.22
CA LEU A 110 1.17 -23.25 9.73
C LEU A 110 0.21 -23.54 8.59
N ILE A 111 -0.87 -22.75 8.53
CA ILE A 111 -1.59 -22.63 7.27
C ILE A 111 -0.71 -21.85 6.32
N HIS A 112 -0.28 -22.48 5.23
CA HIS A 112 0.77 -21.90 4.40
C HIS A 112 0.32 -20.58 3.76
N SER A 113 -0.95 -20.49 3.37
CA SER A 113 -1.47 -19.38 2.59
C SER A 113 -2.97 -19.31 2.78
N PRO A 114 -3.57 -18.12 2.79
CA PRO A 114 -5.04 -18.02 2.92
C PRO A 114 -5.82 -18.42 1.67
N MET A 115 -5.17 -18.74 0.56
CA MET A 115 -5.87 -18.95 -0.72
C MET A 115 -6.09 -20.44 -0.98
N SER A 116 -7.29 -20.92 -0.68
CA SER A 116 -7.60 -22.33 -0.84
C SER A 116 -7.64 -22.71 -2.32
N LEU A 117 -7.15 -23.91 -2.63
CA LEU A 117 -7.09 -24.46 -3.97
C LEU A 117 -7.80 -25.81 -4.01
N LYS A 118 -8.13 -26.25 -5.23
CA LYS A 118 -8.97 -27.43 -5.42
C LYS A 118 -8.28 -28.69 -4.88
N PRO A 119 -8.96 -29.50 -4.06
CA PRO A 119 -8.34 -30.74 -3.58
C PRO A 119 -8.06 -31.71 -4.71
N GLY A 120 -7.00 -32.49 -4.55
CA GLY A 120 -6.58 -33.38 -5.61
C GLY A 120 -5.10 -33.70 -5.49
N GLU A 121 -4.64 -34.51 -6.44
CA GLU A 121 -3.26 -35.00 -6.38
C GLU A 121 -2.25 -33.94 -6.80
N GLU A 122 -2.63 -33.04 -7.70
CA GLU A 122 -1.70 -32.03 -8.19
C GLU A 122 -1.51 -30.92 -7.16
N LEU A 123 -0.29 -30.43 -7.05
CA LEU A 123 0.04 -29.39 -6.08
C LEU A 123 -0.51 -28.04 -6.50
N SER A 124 -0.54 -27.78 -7.81
CA SER A 124 -0.99 -26.52 -8.38
C SER A 124 -1.98 -26.87 -9.47
N PRO A 125 -3.20 -27.26 -9.11
CA PRO A 125 -4.15 -27.77 -10.13
C PRO A 125 -4.57 -26.66 -11.09
N THR A 126 -4.50 -26.97 -12.38
CA THR A 126 -4.78 -25.99 -13.42
C THR A 126 -5.78 -26.54 -14.42
N ASP A 127 -6.46 -25.61 -15.09
CA ASP A 127 -7.38 -25.96 -16.17
C ASP A 127 -6.65 -26.14 -17.49
N GLU A 128 -7.42 -26.06 -18.58
CA GLU A 128 -6.88 -26.22 -19.93
C GLU A 128 -5.91 -25.10 -20.29
N ASN A 129 -6.07 -23.91 -19.71
CA ASN A 129 -5.26 -22.74 -20.05
C ASN A 129 -4.19 -22.41 -19.01
N GLY A 130 -3.87 -23.36 -18.13
CA GLY A 130 -2.90 -23.06 -17.10
C GLY A 130 -3.38 -22.13 -16.01
N LYS A 131 -4.69 -21.90 -15.90
CA LYS A 131 -5.24 -21.12 -14.81
C LYS A 131 -5.44 -21.99 -13.57
N VAL A 132 -5.01 -21.47 -12.42
CA VAL A 132 -5.04 -22.23 -11.17
C VAL A 132 -6.45 -22.21 -10.59
N ILE A 133 -7.00 -23.39 -10.31
CA ILE A 133 -8.38 -23.54 -9.86
C ILE A 133 -8.46 -23.27 -8.36
N PHE A 134 -9.36 -22.38 -7.97
CA PHE A 134 -9.58 -22.04 -6.58
C PHE A 134 -10.60 -22.98 -5.95
N ASP A 135 -10.56 -23.05 -4.61
CA ASP A 135 -11.56 -23.75 -3.82
C ASP A 135 -12.14 -22.78 -2.81
N ILE A 136 -13.41 -22.95 -2.45
CA ILE A 136 -14.08 -22.06 -1.53
C ILE A 136 -14.18 -22.75 -0.19
N VAL A 137 -13.40 -22.28 0.79
CA VAL A 137 -13.35 -22.91 2.10
C VAL A 137 -13.41 -21.81 3.15
N ASP A 138 -14.13 -22.09 4.23
CA ASP A 138 -14.14 -21.23 5.40
C ASP A 138 -12.91 -21.55 6.26
N LEU A 139 -11.94 -20.64 6.26
CA LEU A 139 -10.68 -20.87 6.97
C LEU A 139 -10.87 -21.09 8.46
N CYS A 140 -11.99 -20.65 9.04
CA CYS A 140 -12.25 -20.94 10.45
C CYS A 140 -12.48 -22.43 10.67
N THR A 141 -12.96 -23.16 9.66
CA THR A 141 -13.07 -24.60 9.80
C THR A 141 -11.74 -25.30 9.55
N THR A 142 -10.88 -24.72 8.71
CA THR A 142 -9.50 -25.18 8.65
C THR A 142 -8.82 -25.00 9.99
N TRP A 143 -9.02 -23.84 10.62
CA TRP A 143 -8.39 -23.57 11.91
C TRP A 143 -8.87 -24.57 12.96
N GLU A 144 -10.16 -24.89 12.96
CA GLU A 144 -10.68 -25.89 13.87
C GLU A 144 -9.92 -27.20 13.76
N ALA A 145 -9.72 -27.68 12.53
CA ALA A 145 -8.96 -28.91 12.33
C ALA A 145 -7.52 -28.75 12.78
N MET A 146 -6.94 -27.56 12.59
CA MET A 146 -5.59 -27.30 13.09
C MET A 146 -5.53 -27.41 14.61
N GLU A 147 -6.54 -26.86 15.30
CA GLU A 147 -6.57 -26.95 16.76
C GLU A 147 -6.59 -28.39 17.22
N LYS A 148 -7.28 -29.27 16.49
CA LYS A 148 -7.31 -30.68 16.84
C LYS A 148 -5.93 -31.33 16.67
N CYS A 149 -5.14 -30.86 15.70
CA CYS A 149 -3.78 -31.39 15.59
C CYS A 149 -2.95 -30.97 16.80
N LYS A 150 -3.21 -29.80 17.37
CA LYS A 150 -2.51 -29.43 18.60
C LYS A 150 -2.91 -30.34 19.75
N ASP A 151 -4.22 -30.52 19.97
CA ASP A 151 -4.66 -31.36 21.08
C ASP A 151 -4.18 -32.81 20.92
N ALA A 152 -4.01 -33.26 19.68
CA ALA A 152 -3.49 -34.60 19.42
C ALA A 152 -2.00 -34.74 19.71
N GLY A 153 -1.28 -33.66 19.97
CA GLY A 153 0.14 -33.73 20.23
C GLY A 153 1.03 -33.84 19.00
N LEU A 154 0.45 -33.75 17.80
CA LEU A 154 1.22 -33.79 16.57
C LEU A 154 1.87 -32.46 16.21
N ALA A 155 1.36 -31.36 16.75
CA ALA A 155 1.96 -30.03 16.58
C ALA A 155 1.96 -29.32 17.92
N LYS A 156 3.14 -28.89 18.38
CA LYS A 156 3.23 -28.22 19.67
C LYS A 156 2.55 -26.85 19.64
N SER A 157 2.77 -26.06 18.58
CA SER A 157 2.06 -24.81 18.35
C SER A 157 1.52 -24.77 16.92
N ILE A 158 0.50 -23.95 16.73
CA ILE A 158 -0.07 -23.74 15.40
C ILE A 158 -0.12 -22.25 15.10
N GLY A 159 0.03 -21.92 13.81
CA GLY A 159 0.02 -20.54 13.37
C GLY A 159 -0.39 -20.41 11.92
N VAL A 160 -0.20 -19.23 11.32
CA VAL A 160 -0.63 -18.92 9.96
C VAL A 160 0.51 -18.26 9.20
N SER A 161 0.33 -18.16 7.88
CA SER A 161 1.33 -17.53 7.02
C SER A 161 0.64 -16.80 5.88
N ASN A 162 1.18 -15.64 5.52
CA ASN A 162 0.66 -14.84 4.41
C ASN A 162 -0.76 -14.30 4.66
N PHE A 163 -1.15 -14.12 5.92
CA PHE A 163 -2.43 -13.54 6.27
C PHE A 163 -2.32 -12.02 6.47
N ASN A 164 -3.30 -11.27 5.97
CA ASN A 164 -3.35 -9.83 6.25
C ASN A 164 -4.10 -9.59 7.56
N ARG A 165 -4.24 -8.31 7.94
CA ARG A 165 -4.95 -7.94 9.17
C ARG A 165 -6.39 -8.46 9.16
N ARG A 166 -7.08 -8.33 8.03
CA ARG A 166 -8.47 -8.76 7.94
C ARG A 166 -8.60 -10.28 8.16
N GLN A 167 -7.71 -11.05 7.52
CA GLN A 167 -7.75 -12.50 7.64
C GLN A 167 -7.31 -12.97 9.02
N LEU A 168 -6.37 -12.26 9.67
CA LEU A 168 -6.03 -12.59 11.06
C LEU A 168 -7.24 -12.46 11.99
N GLU A 169 -7.98 -11.35 11.88
CA GLU A 169 -9.12 -11.14 12.78
C GLU A 169 -10.25 -12.13 12.49
N MET A 170 -10.41 -12.57 11.25
CA MET A 170 -11.39 -13.63 10.97
C MET A 170 -11.14 -14.87 11.83
N ILE A 171 -9.87 -15.15 12.16
CA ILE A 171 -9.54 -16.24 13.08
C ILE A 171 -9.71 -15.80 14.54
N LEU A 172 -9.31 -14.56 14.86
CA LEU A 172 -9.42 -14.08 16.23
C LEU A 172 -10.88 -13.90 16.66
N ASN A 173 -11.77 -13.62 15.71
CA ASN A 173 -13.20 -13.52 15.99
C ASN A 173 -13.96 -14.81 15.68
N LYS A 174 -13.28 -15.97 15.63
CA LYS A 174 -13.97 -17.26 15.41
C LYS A 174 -14.79 -17.63 16.65
N PRO A 175 -16.10 -17.89 16.52
CA PRO A 175 -16.85 -18.35 17.70
C PRO A 175 -16.30 -19.69 18.21
N GLY A 176 -16.08 -19.75 19.52
CA GLY A 176 -15.51 -20.94 20.13
C GLY A 176 -14.02 -21.14 19.92
N LEU A 177 -13.31 -20.11 19.47
CA LEU A 177 -11.86 -20.19 19.31
C LEU A 177 -11.20 -20.77 20.54
N LYS A 178 -10.35 -21.78 20.34
CA LYS A 178 -9.58 -22.40 21.42
C LYS A 178 -8.14 -21.91 21.51
N TYR A 179 -7.46 -21.74 20.37
CA TYR A 179 -6.04 -21.33 20.35
C TYR A 179 -5.84 -20.22 19.34
N LYS A 180 -5.24 -19.11 19.78
CA LYS A 180 -4.84 -18.08 18.84
C LYS A 180 -3.73 -18.61 17.95
N PRO A 181 -3.53 -18.04 16.77
CA PRO A 181 -2.29 -18.33 16.05
C PRO A 181 -1.11 -17.77 16.83
N VAL A 182 -0.04 -18.57 16.96
CA VAL A 182 1.12 -18.04 17.68
C VAL A 182 1.93 -17.08 16.81
N CYS A 183 1.78 -17.15 15.49
CA CYS A 183 2.62 -16.32 14.61
C CYS A 183 1.91 -16.12 13.28
N ASN A 184 2.40 -15.12 12.55
CA ASN A 184 2.02 -14.86 11.17
C ASN A 184 3.32 -14.69 10.41
N GLN A 185 3.65 -15.65 9.54
CA GLN A 185 4.88 -15.61 8.75
C GLN A 185 4.59 -14.94 7.40
N VAL A 186 5.27 -13.81 7.13
CA VAL A 186 4.99 -12.99 5.96
C VAL A 186 6.27 -12.37 5.42
N GLU A 187 6.22 -11.95 4.15
CA GLU A 187 7.35 -11.24 3.56
C GLU A 187 7.62 -9.96 4.33
N CYS A 188 8.89 -9.73 4.68
CA CYS A 188 9.25 -8.60 5.53
C CYS A 188 10.75 -8.34 5.39
N HIS A 189 11.12 -7.09 5.03
CA HIS A 189 12.49 -6.65 4.76
C HIS A 189 12.48 -5.12 4.69
N PRO A 190 13.63 -4.43 4.71
CA PRO A 190 13.59 -2.95 4.82
C PRO A 190 12.85 -2.22 3.69
N TYR A 191 12.58 -2.85 2.55
CA TYR A 191 11.78 -2.26 1.48
C TYR A 191 10.29 -2.50 1.64
N PHE A 192 9.89 -3.33 2.61
CA PHE A 192 8.51 -3.73 2.87
C PHE A 192 8.49 -4.18 4.34
N ASN A 193 8.58 -3.22 5.27
CA ASN A 193 8.89 -3.54 6.66
C ASN A 193 7.66 -3.84 7.52
N ARG A 194 6.45 -3.75 6.96
CA ARG A 194 5.23 -4.20 7.60
C ARG A 194 4.99 -3.56 8.96
N SER A 195 5.43 -2.31 9.19
CA SER A 195 5.30 -1.73 10.53
C SER A 195 3.85 -1.75 11.04
N LYS A 196 2.89 -1.47 10.15
CA LYS A 196 1.50 -1.40 10.60
C LYS A 196 0.98 -2.77 11.01
N LEU A 197 1.28 -3.79 10.20
CA LEU A 197 0.88 -5.15 10.57
C LEU A 197 1.64 -5.64 11.81
N LEU A 198 2.91 -5.25 11.96
CA LEU A 198 3.69 -5.68 13.12
C LEU A 198 3.09 -5.16 14.42
N ASP A 199 2.70 -3.88 14.43
CA ASP A 199 2.10 -3.33 15.64
C ASP A 199 0.78 -4.02 15.97
N PHE A 200 -0.01 -4.33 14.93
CA PHE A 200 -1.26 -5.06 15.15
C PHE A 200 -0.99 -6.43 15.75
N CYS A 201 -0.03 -7.17 15.18
CA CYS A 201 0.32 -8.47 15.74
C CYS A 201 0.82 -8.33 17.17
N LYS A 202 1.66 -7.31 17.44
CA LYS A 202 2.12 -7.06 18.79
C LYS A 202 0.94 -6.84 19.74
N SER A 203 -0.07 -6.11 19.29
CA SER A 203 -1.23 -5.82 20.13
C SER A 203 -2.05 -7.06 20.46
N LYS A 204 -1.98 -8.10 19.62
CA LYS A 204 -2.73 -9.34 19.87
C LYS A 204 -1.83 -10.49 20.31
N ASP A 205 -0.57 -10.20 20.65
CA ASP A 205 0.40 -11.19 21.12
C ASP A 205 0.68 -12.26 20.06
N ILE A 206 0.84 -11.85 18.82
CA ILE A 206 1.18 -12.73 17.70
C ILE A 206 2.56 -12.35 17.18
N VAL A 207 3.45 -13.33 17.08
CA VAL A 207 4.80 -13.07 16.59
C VAL A 207 4.75 -12.88 15.08
N LEU A 208 5.42 -11.86 14.59
CA LEU A 208 5.63 -11.74 13.15
C LEU A 208 6.96 -12.42 12.79
N VAL A 209 6.92 -13.38 11.86
CA VAL A 209 8.10 -14.09 11.37
C VAL A 209 8.37 -13.61 9.95
N ALA A 210 9.57 -13.05 9.73
CA ALA A 210 9.92 -12.47 8.43
C ALA A 210 10.49 -13.53 7.49
N TYR A 211 9.91 -13.65 6.30
CA TYR A 211 10.59 -14.35 5.22
C TYR A 211 10.99 -13.37 4.13
N SER A 212 11.93 -13.82 3.29
CA SER A 212 12.60 -12.99 2.29
C SER A 212 13.26 -11.78 2.95
N ALA A 213 13.77 -11.97 4.17
CA ALA A 213 14.41 -10.90 4.92
C ALA A 213 15.73 -10.45 4.31
N LEU A 214 16.32 -11.24 3.39
CA LEU A 214 17.53 -10.82 2.69
C LEU A 214 17.21 -10.41 1.27
N GLY A 215 15.94 -10.28 0.93
CA GLY A 215 15.52 -9.77 -0.36
C GLY A 215 15.12 -10.82 -1.36
N SER A 216 14.91 -12.07 -0.92
CA SER A 216 14.44 -13.17 -1.73
C SER A 216 15.54 -13.72 -2.62
N GLN A 217 15.28 -14.90 -3.20
CA GLN A 217 16.19 -15.57 -4.12
C GLN A 217 16.07 -15.06 -5.54
N ARG A 218 15.14 -14.12 -5.78
CA ARG A 218 14.98 -13.45 -7.08
C ARG A 218 14.75 -14.46 -8.20
N ASP A 219 14.07 -15.56 -7.87
CA ASP A 219 13.67 -16.53 -8.88
C ASP A 219 12.80 -15.85 -9.94
N LYS A 220 13.14 -16.07 -11.21
CA LYS A 220 12.47 -15.36 -12.29
C LYS A 220 11.03 -15.83 -12.50
N ARG A 221 10.65 -17.01 -11.98
CA ARG A 221 9.27 -17.43 -12.14
C ARG A 221 8.31 -16.61 -11.27
N TRP A 222 8.83 -15.89 -10.27
CA TRP A 222 7.95 -15.10 -9.40
C TRP A 222 8.49 -13.72 -9.06
N VAL A 223 9.75 -13.41 -9.33
CA VAL A 223 10.33 -12.12 -8.95
C VAL A 223 10.72 -11.37 -10.23
N ASP A 224 10.28 -10.13 -10.33
CA ASP A 224 10.60 -9.29 -11.47
C ASP A 224 12.09 -8.97 -11.46
N PRO A 225 12.83 -9.30 -12.52
CA PRO A 225 14.27 -9.04 -12.52
C PRO A 225 14.62 -7.57 -12.31
N ASN A 226 13.79 -6.65 -12.80
CA ASN A 226 14.11 -5.24 -12.72
C ASN A 226 13.84 -4.64 -11.35
N SER A 227 13.39 -5.42 -10.38
CA SER A 227 13.26 -4.92 -9.02
C SER A 227 14.65 -4.66 -8.43
N PRO A 228 14.77 -3.74 -7.49
CA PRO A 228 16.08 -3.42 -6.91
C PRO A 228 16.55 -4.52 -5.97
N VAL A 229 17.87 -4.71 -5.92
CA VAL A 229 18.50 -5.77 -5.14
C VAL A 229 18.73 -5.28 -3.72
N LEU A 230 18.04 -5.89 -2.74
CA LEU A 230 18.10 -5.39 -1.38
C LEU A 230 19.52 -5.35 -0.84
N LEU A 231 20.31 -6.41 -1.06
CA LEU A 231 21.66 -6.47 -0.47
C LEU A 231 22.65 -5.53 -1.15
N GLU A 232 22.24 -4.86 -2.23
CA GLU A 232 23.02 -3.81 -2.86
C GLU A 232 22.57 -2.42 -2.46
N ASP A 233 21.67 -2.31 -1.48
CA ASP A 233 21.17 -1.00 -1.12
C ASP A 233 22.32 -0.14 -0.58
N PRO A 234 22.38 1.15 -0.93
CA PRO A 234 23.51 1.97 -0.46
C PRO A 234 23.52 2.22 1.04
N VAL A 235 22.35 2.33 1.67
CA VAL A 235 22.32 2.51 3.11
C VAL A 235 22.79 1.24 3.82
N LEU A 236 22.28 0.08 3.38
CA LEU A 236 22.74 -1.17 3.97
C LEU A 236 24.25 -1.31 3.85
N CYS A 237 24.79 -0.95 2.69
CA CYS A 237 26.24 -1.03 2.47
C CYS A 237 26.99 -0.09 3.39
N ALA A 238 26.50 1.15 3.55
CA ALA A 238 27.15 2.10 4.43
C ALA A 238 27.21 1.58 5.86
N LEU A 239 26.10 1.02 6.34
CA LEU A 239 26.10 0.47 7.69
C LEU A 239 26.97 -0.78 7.81
N ALA A 240 27.12 -1.54 6.71
CA ALA A 240 27.99 -2.70 6.73
C ALA A 240 29.45 -2.30 6.90
N LYS A 241 29.90 -1.25 6.20
CA LYS A 241 31.27 -0.75 6.42
C LYS A 241 31.42 -0.18 7.82
N LYS A 242 30.43 0.57 8.29
CA LYS A 242 30.48 1.18 9.61
C LYS A 242 30.76 0.14 10.70
N HIS A 243 29.95 -0.90 10.78
CA HIS A 243 30.08 -1.89 11.83
C HIS A 243 31.07 -2.99 11.48
N LYS A 244 31.62 -2.96 10.27
CA LYS A 244 32.48 -4.01 9.75
C LYS A 244 31.75 -5.35 9.75
N ARG A 245 30.49 -5.31 9.34
CA ARG A 245 29.73 -6.53 9.11
C ARG A 245 29.33 -6.57 7.64
N THR A 246 28.24 -7.23 7.30
CA THR A 246 27.81 -7.32 5.92
C THR A 246 26.39 -6.78 5.76
N PRO A 247 25.96 -6.49 4.52
CA PRO A 247 24.59 -6.01 4.33
C PRO A 247 23.53 -7.00 4.78
N ALA A 248 23.79 -8.31 4.63
CA ALA A 248 22.84 -9.32 5.09
C ALA A 248 22.72 -9.29 6.62
N LEU A 249 23.86 -9.21 7.31
CA LEU A 249 23.86 -9.13 8.77
C LEU A 249 23.13 -7.89 9.26
N ILE A 250 23.29 -6.75 8.58
CA ILE A 250 22.53 -5.56 8.97
C ILE A 250 21.03 -5.83 8.82
N ALA A 251 20.62 -6.40 7.69
CA ALA A 251 19.20 -6.66 7.45
C ALA A 251 18.60 -7.63 8.47
N LEU A 252 19.39 -8.63 8.89
CA LEU A 252 18.92 -9.58 9.90
C LEU A 252 18.84 -8.94 11.27
N ARG A 253 19.84 -8.13 11.63
CA ARG A 253 19.85 -7.52 12.96
C ARG A 253 18.73 -6.49 13.10
N TYR A 254 18.39 -5.80 12.00
CA TYR A 254 17.28 -4.85 11.99
C TYR A 254 16.00 -5.51 12.48
N GLN A 255 15.70 -6.72 11.99
CA GLN A 255 14.47 -7.39 12.38
C GLN A 255 14.49 -7.75 13.86
N LEU A 256 15.62 -8.25 14.37
CA LEU A 256 15.66 -8.65 15.79
C LEU A 256 15.43 -7.46 16.72
N GLN A 257 15.96 -6.29 16.38
CA GLN A 257 15.82 -5.13 17.27
C GLN A 257 14.41 -4.52 17.20
N ARG A 258 13.57 -4.94 16.26
CA ARG A 258 12.19 -4.48 16.22
C ARG A 258 11.21 -5.59 16.60
N GLY A 259 11.70 -6.65 17.24
CA GLY A 259 10.83 -7.71 17.74
C GLY A 259 10.32 -8.67 16.70
N VAL A 260 11.01 -8.82 15.57
CA VAL A 260 10.60 -9.72 14.50
C VAL A 260 11.49 -10.95 14.53
N VAL A 261 10.88 -12.13 14.54
CA VAL A 261 11.63 -13.36 14.31
C VAL A 261 12.00 -13.44 12.83
N VAL A 262 13.26 -13.73 12.54
CA VAL A 262 13.77 -13.58 11.18
C VAL A 262 14.29 -14.92 10.66
N LEU A 263 13.91 -15.26 9.43
CA LEU A 263 14.46 -16.41 8.73
C LEU A 263 15.59 -15.98 7.81
N ALA A 264 16.47 -16.93 7.48
CA ALA A 264 17.55 -16.69 6.51
C ALA A 264 17.88 -17.98 5.78
N LYS A 265 17.67 -17.97 4.46
CA LYS A 265 18.05 -19.11 3.63
C LYS A 265 19.45 -18.88 3.07
N SER A 266 20.29 -19.91 3.18
CA SER A 266 21.56 -19.96 2.44
C SER A 266 21.96 -21.42 2.24
N TYR A 267 22.36 -21.77 1.03
CA TYR A 267 22.93 -23.09 0.76
C TYR A 267 24.45 -23.02 0.58
N ASN A 268 25.08 -21.97 1.09
CA ASN A 268 26.52 -21.74 0.96
C ASN A 268 27.16 -21.85 2.34
N GLU A 269 28.14 -22.74 2.46
CA GLU A 269 28.68 -23.08 3.78
C GLU A 269 29.16 -21.84 4.52
N GLN A 270 29.88 -20.95 3.83
CA GLN A 270 30.46 -19.81 4.54
C GLN A 270 29.38 -18.80 4.94
N ARG A 271 28.38 -18.60 4.08
CA ARG A 271 27.31 -17.66 4.43
C ARG A 271 26.39 -18.19 5.52
N ILE A 272 26.13 -19.50 5.53
CA ILE A 272 25.41 -20.11 6.65
C ILE A 272 26.09 -19.77 7.96
N ARG A 273 27.40 -20.01 8.03
CA ARG A 273 28.15 -19.75 9.26
C ARG A 273 28.18 -18.26 9.57
N GLN A 274 28.18 -17.41 8.54
CA GLN A 274 28.22 -15.97 8.81
C GLN A 274 26.92 -15.47 9.43
N ASN A 275 25.78 -16.08 9.09
CA ASN A 275 24.52 -15.46 9.49
C ASN A 275 24.29 -15.55 10.99
N VAL A 276 24.86 -16.54 11.66
CA VAL A 276 24.73 -16.61 13.12
C VAL A 276 25.53 -15.53 13.83
N GLN A 277 26.38 -14.78 13.11
CA GLN A 277 27.00 -13.63 13.75
C GLN A 277 26.00 -12.55 14.09
N VAL A 278 24.70 -12.74 13.82
CA VAL A 278 23.76 -11.64 14.03
C VAL A 278 23.63 -11.34 15.51
N PHE A 279 24.00 -12.29 16.37
CA PHE A 279 23.92 -12.07 17.80
C PHE A 279 25.16 -11.35 18.35
N GLU A 280 26.11 -10.97 17.48
CA GLU A 280 27.43 -10.49 17.91
C GLU A 280 27.55 -8.97 17.96
N PHE A 281 26.60 -8.23 17.39
CA PHE A 281 26.72 -6.77 17.28
C PHE A 281 25.34 -6.14 17.40
N GLN A 282 25.31 -4.81 17.36
CA GLN A 282 24.09 -4.08 17.71
C GLN A 282 24.01 -2.79 16.91
N LEU A 283 22.81 -2.49 16.39
CA LEU A 283 22.58 -1.26 15.64
C LEU A 283 22.12 -0.15 16.59
N THR A 284 22.63 1.07 16.37
CA THR A 284 22.16 2.20 17.15
C THR A 284 20.77 2.64 16.70
N ALA A 285 20.09 3.38 17.59
CA ALA A 285 18.76 3.92 17.28
C ALA A 285 18.78 4.78 16.02
N GLU A 286 19.89 5.45 15.74
CA GLU A 286 19.96 6.25 14.51
C GLU A 286 20.15 5.35 13.30
N ASP A 287 20.93 4.27 13.44
CA ASP A 287 21.01 3.26 12.39
C ASP A 287 19.62 2.70 12.08
N MET A 288 18.86 2.39 13.12
CA MET A 288 17.53 1.80 12.92
C MET A 288 16.62 2.76 12.17
N LYS A 289 16.73 4.06 12.47
CA LYS A 289 15.85 5.04 11.83
C LYS A 289 16.17 5.16 10.35
N ALA A 290 17.46 5.05 9.99
CA ALA A 290 17.85 5.13 8.60
C ALA A 290 17.38 3.93 7.79
N ILE A 291 17.36 2.74 8.41
CA ILE A 291 16.77 1.58 7.73
C ILE A 291 15.26 1.74 7.61
N ASP A 292 14.60 2.23 8.66
CA ASP A 292 13.16 2.51 8.60
C ASP A 292 12.81 3.32 7.35
N GLY A 293 13.66 4.29 7.00
CA GLY A 293 13.36 5.18 5.88
C GLY A 293 13.47 4.54 4.52
N LEU A 294 13.91 3.29 4.42
CA LEU A 294 13.99 2.62 3.14
C LEU A 294 12.67 2.00 2.70
N ASP A 295 11.65 2.00 3.58
CA ASP A 295 10.36 1.37 3.30
C ASP A 295 9.72 1.91 2.02
N ARG A 296 9.30 0.99 1.14
CA ARG A 296 8.67 1.36 -0.12
C ARG A 296 7.40 0.56 -0.41
N ASN A 297 6.93 -0.26 0.53
CA ASN A 297 5.86 -1.22 0.27
C ASN A 297 6.09 -2.02 -1.02
N LEU A 298 7.35 -2.36 -1.27
CA LEU A 298 7.72 -3.17 -2.42
C LEU A 298 7.76 -4.63 -1.99
N HIS A 299 6.85 -5.45 -2.51
CA HIS A 299 6.91 -6.89 -2.26
C HIS A 299 7.42 -7.59 -3.52
N TYR A 300 8.43 -8.44 -3.35
CA TYR A 300 9.08 -9.11 -4.46
C TYR A 300 8.20 -10.17 -5.12
N PHE A 301 7.21 -10.69 -4.40
CA PHE A 301 6.40 -11.77 -4.94
C PHE A 301 5.39 -11.20 -5.93
N ASN A 302 5.51 -11.62 -7.18
CA ASN A 302 4.55 -11.24 -8.22
C ASN A 302 3.31 -12.12 -8.07
N SER A 303 2.53 -11.81 -7.04
CA SER A 303 1.29 -12.52 -6.77
C SER A 303 0.15 -12.09 -7.68
N ASP A 304 0.40 -11.15 -8.60
CA ASP A 304 -0.67 -10.56 -9.40
C ASP A 304 -1.36 -11.58 -10.29
N SER A 305 -0.73 -12.74 -10.52
CA SER A 305 -1.39 -13.81 -11.25
C SER A 305 -2.63 -14.33 -10.51
N PHE A 306 -2.74 -14.04 -9.21
CA PHE A 306 -3.74 -14.67 -8.36
C PHE A 306 -4.65 -13.65 -7.65
N ALA A 307 -4.67 -12.40 -8.10
CA ALA A 307 -5.51 -11.39 -7.46
C ALA A 307 -7.00 -11.72 -7.58
N SER A 308 -7.36 -12.60 -8.52
CA SER A 308 -8.73 -13.07 -8.67
C SER A 308 -9.26 -13.77 -7.43
N HIS A 309 -8.38 -14.39 -6.63
CA HIS A 309 -8.81 -15.18 -5.49
C HIS A 309 -9.53 -14.30 -4.46
N PRO A 310 -10.65 -14.76 -3.91
CA PRO A 310 -11.30 -13.95 -2.85
C PRO A 310 -10.42 -13.73 -1.63
N ASN A 311 -9.45 -14.62 -1.36
CA ASN A 311 -8.61 -14.47 -0.18
C ASN A 311 -7.22 -13.94 -0.51
N TYR A 312 -7.06 -13.31 -1.68
CA TYR A 312 -5.81 -12.68 -2.07
C TYR A 312 -5.32 -11.74 -0.97
N PRO A 313 -4.14 -11.96 -0.40
CA PRO A 313 -3.73 -11.19 0.79
C PRO A 313 -3.35 -9.74 0.48
N TYR A 314 -2.98 -9.41 -0.74
CA TYR A 314 -2.47 -8.07 -1.00
C TYR A 314 -3.56 -7.17 -1.57
N GLN B 1 -2.11 23.44 -23.09
CA GLN B 1 -2.73 22.32 -23.78
C GLN B 1 -3.86 21.74 -22.94
N CYS B 2 -4.75 20.99 -23.59
CA CYS B 2 -5.94 20.46 -22.96
C CYS B 2 -6.02 18.95 -23.23
N VAL B 3 -6.82 18.27 -22.42
CA VAL B 3 -7.14 16.87 -22.66
C VAL B 3 -8.65 16.78 -22.88
N LYS B 4 -9.06 15.84 -23.73
CA LYS B 4 -10.48 15.67 -24.05
C LYS B 4 -11.12 14.76 -23.00
N LEU B 5 -12.18 15.24 -22.38
CA LEU B 5 -12.94 14.45 -21.41
C LEU B 5 -13.87 13.49 -22.14
N ASN B 6 -14.32 12.46 -21.42
CA ASN B 6 -15.20 11.48 -22.05
C ASN B 6 -16.60 12.00 -22.33
N ASP B 7 -16.92 13.25 -21.96
CA ASP B 7 -18.20 13.86 -22.32
C ASP B 7 -18.07 14.89 -23.44
N GLY B 8 -16.90 14.98 -24.09
CA GLY B 8 -16.69 15.91 -25.17
C GLY B 8 -16.16 17.27 -24.78
N HIS B 9 -16.16 17.61 -23.49
CA HIS B 9 -15.58 18.87 -23.06
C HIS B 9 -14.07 18.73 -22.91
N PHE B 10 -13.39 19.85 -22.71
CA PHE B 10 -11.92 19.90 -22.67
C PHE B 10 -11.45 20.54 -21.36
N MET B 11 -10.38 20.00 -20.79
CA MET B 11 -9.87 20.43 -19.49
C MET B 11 -8.39 20.79 -19.63
N PRO B 12 -7.98 22.03 -19.31
CA PRO B 12 -6.55 22.37 -19.38
C PRO B 12 -5.74 21.51 -18.42
N VAL B 13 -4.56 21.06 -18.88
CA VAL B 13 -3.84 20.02 -18.14
C VAL B 13 -3.04 20.54 -16.96
N LEU B 14 -2.87 21.86 -16.84
CA LEU B 14 -2.28 22.47 -15.66
C LEU B 14 -3.34 23.32 -14.95
N GLY B 15 -3.56 23.06 -13.66
CA GLY B 15 -4.57 23.78 -12.88
C GLY B 15 -3.96 24.52 -11.70
N PHE B 16 -4.62 25.61 -11.30
CA PHE B 16 -4.20 26.44 -10.17
C PHE B 16 -4.97 26.04 -8.92
N GLY B 17 -4.25 25.67 -7.85
CA GLY B 17 -4.89 25.32 -6.60
C GLY B 17 -5.08 26.53 -5.70
N THR B 18 -6.30 26.67 -5.16
CA THR B 18 -6.63 27.90 -4.44
C THR B 18 -6.72 27.76 -2.92
N TYR B 19 -6.60 26.55 -2.36
CA TYR B 19 -6.73 26.43 -0.90
C TYR B 19 -5.57 27.12 -0.17
N ALA B 20 -5.91 27.98 0.80
CA ALA B 20 -5.04 28.58 1.78
C ALA B 20 -5.64 28.44 3.18
N PRO B 21 -4.81 28.21 4.20
CA PRO B 21 -5.33 28.01 5.56
C PRO B 21 -5.90 29.31 6.13
N PRO B 22 -6.74 29.22 7.16
CA PRO B 22 -7.45 30.44 7.61
C PRO B 22 -6.54 31.59 7.97
N GLU B 23 -5.31 31.33 8.40
CA GLU B 23 -4.40 32.42 8.75
C GLU B 23 -4.07 33.33 7.58
N VAL B 24 -4.36 32.93 6.35
CA VAL B 24 -4.12 33.77 5.17
C VAL B 24 -5.37 34.59 4.94
N PRO B 25 -5.28 35.93 4.94
CA PRO B 25 -6.47 36.75 4.70
C PRO B 25 -7.14 36.37 3.39
N ARG B 26 -8.48 36.44 3.39
CA ARG B 26 -9.26 36.08 2.23
C ARG B 26 -8.96 36.97 1.03
N SER B 27 -8.48 38.19 1.28
CA SER B 27 -8.15 39.09 0.18
C SER B 27 -7.09 38.50 -0.73
N LYS B 28 -6.19 37.68 -0.17
CA LYS B 28 -5.11 37.11 -0.99
C LYS B 28 -5.65 36.19 -2.07
N ALA B 29 -6.76 35.49 -1.82
CA ALA B 29 -7.31 34.60 -2.85
C ALA B 29 -7.70 35.37 -4.10
N LEU B 30 -8.31 36.55 -3.92
CA LEU B 30 -8.60 37.41 -5.06
C LEU B 30 -7.33 37.80 -5.79
N GLU B 31 -6.31 38.27 -5.06
CA GLU B 31 -5.11 38.80 -5.69
C GLU B 31 -4.34 37.72 -6.43
N VAL B 32 -4.15 36.55 -5.81
CA VAL B 32 -3.29 35.55 -6.46
C VAL B 32 -4.02 34.83 -7.60
N THR B 33 -5.36 34.75 -7.57
CA THR B 33 -6.08 34.13 -8.68
C THR B 33 -5.99 35.00 -9.94
N LYS B 34 -6.10 36.33 -9.78
CA LYS B 34 -5.81 37.22 -10.90
C LYS B 34 -4.38 37.04 -11.42
N LEU B 35 -3.40 36.92 -10.51
CA LEU B 35 -2.01 36.72 -10.96
C LEU B 35 -1.85 35.41 -11.72
N ALA B 36 -2.54 34.34 -11.27
CA ALA B 36 -2.43 33.05 -11.97
C ALA B 36 -2.95 33.17 -13.40
N ILE B 37 -4.10 33.81 -13.58
CA ILE B 37 -4.65 33.95 -14.93
C ILE B 37 -3.74 34.81 -15.79
N GLU B 38 -3.21 35.89 -15.21
CA GLU B 38 -2.32 36.76 -15.97
C GLU B 38 -1.08 35.99 -16.42
N ALA B 39 -0.55 35.11 -15.57
CA ALA B 39 0.63 34.32 -15.93
C ALA B 39 0.30 33.19 -16.90
N GLY B 40 -0.97 32.81 -17.04
CA GLY B 40 -1.36 31.86 -18.06
C GLY B 40 -2.17 30.64 -17.62
N PHE B 41 -2.39 30.46 -16.32
CA PHE B 41 -3.30 29.40 -15.88
C PHE B 41 -4.71 29.67 -16.42
N ARG B 42 -5.36 28.62 -16.93
CA ARG B 42 -6.74 28.72 -17.37
C ARG B 42 -7.65 27.73 -16.66
N HIS B 43 -7.11 26.95 -15.72
CA HIS B 43 -7.86 25.95 -14.96
C HIS B 43 -7.71 26.31 -13.49
N ILE B 44 -8.84 26.50 -12.80
CA ILE B 44 -8.88 27.08 -11.45
C ILE B 44 -9.66 26.13 -10.55
N ASP B 45 -9.03 25.63 -9.47
CA ASP B 45 -9.63 24.59 -8.61
C ASP B 45 -10.04 25.17 -7.26
N SER B 46 -11.35 25.20 -6.98
CA SER B 46 -11.86 25.65 -5.69
C SER B 46 -12.88 24.67 -5.12
N ALA B 47 -13.54 25.01 -4.01
CA ALA B 47 -14.53 24.13 -3.37
C ALA B 47 -15.29 24.92 -2.32
N HIS B 48 -16.46 24.38 -1.93
CA HIS B 48 -17.20 24.95 -0.80
C HIS B 48 -16.35 24.93 0.47
N LEU B 49 -15.63 23.83 0.69
CA LEU B 49 -14.76 23.71 1.87
C LEU B 49 -13.79 24.88 2.03
N TYR B 50 -13.35 25.50 0.93
CA TYR B 50 -12.18 26.36 1.04
C TYR B 50 -12.51 27.77 1.54
N ASN B 51 -13.79 28.11 1.70
CA ASN B 51 -14.19 29.45 2.18
C ASN B 51 -13.53 30.55 1.36
N ASN B 52 -13.51 30.38 0.03
CA ASN B 52 -12.96 31.42 -0.83
C ASN B 52 -13.68 31.54 -2.17
N GLU B 53 -14.84 30.92 -2.35
CA GLU B 53 -15.46 30.98 -3.67
C GLU B 53 -15.85 32.41 -4.04
N GLU B 54 -16.20 33.24 -3.05
CA GLU B 54 -16.50 34.65 -3.34
C GLU B 54 -15.29 35.36 -3.93
N GLN B 55 -14.11 35.18 -3.31
CA GLN B 55 -12.93 35.91 -3.78
C GLN B 55 -12.39 35.35 -5.10
N VAL B 56 -12.45 34.02 -5.27
CA VAL B 56 -11.97 33.39 -6.50
C VAL B 56 -12.91 33.72 -7.67
N GLY B 57 -14.22 33.68 -7.43
CA GLY B 57 -15.17 34.06 -8.47
C GLY B 57 -14.99 35.50 -8.90
N LEU B 58 -14.74 36.38 -7.94
CA LEU B 58 -14.50 37.81 -8.24
C LEU B 58 -13.24 37.97 -9.07
N ALA B 59 -12.19 37.21 -8.77
CA ALA B 59 -10.98 37.29 -9.59
C ALA B 59 -11.27 36.90 -11.04
N ILE B 60 -12.05 35.83 -11.24
CA ILE B 60 -12.38 35.41 -12.61
C ILE B 60 -13.25 36.46 -13.29
N ARG B 61 -14.24 37.00 -12.58
CA ARG B 61 -15.09 38.04 -13.18
C ARG B 61 -14.28 39.28 -13.55
N SER B 62 -13.29 39.61 -12.72
CA SER B 62 -12.49 40.81 -12.98
C SER B 62 -11.65 40.64 -14.25
N LYS B 63 -11.10 39.44 -14.47
CA LYS B 63 -10.25 39.21 -15.64
C LYS B 63 -11.05 39.06 -16.93
N ILE B 64 -12.33 38.69 -16.84
CA ILE B 64 -13.17 38.72 -18.02
C ILE B 64 -13.55 40.17 -18.35
N ALA B 65 -13.98 40.92 -17.33
CA ALA B 65 -14.46 42.29 -17.54
C ALA B 65 -13.36 43.23 -18.01
N ASP B 66 -12.11 43.04 -17.60
CA ASP B 66 -11.04 43.94 -18.04
C ASP B 66 -10.49 43.58 -19.42
N GLY B 67 -11.06 42.58 -20.09
CA GLY B 67 -10.70 42.23 -21.45
C GLY B 67 -9.64 41.15 -21.60
N SER B 68 -9.13 40.57 -20.50
CA SER B 68 -8.01 39.65 -20.61
C SER B 68 -8.43 38.30 -21.17
N VAL B 69 -9.63 37.82 -20.81
CA VAL B 69 -10.11 36.51 -21.21
C VAL B 69 -11.61 36.59 -21.38
N LYS B 70 -12.16 35.61 -22.11
CA LYS B 70 -13.58 35.37 -22.10
C LYS B 70 -13.91 34.29 -21.06
N ARG B 71 -15.20 34.13 -20.76
CA ARG B 71 -15.62 33.07 -19.84
C ARG B 71 -15.29 31.70 -20.38
N GLU B 72 -15.31 31.52 -21.71
CA GLU B 72 -15.06 30.20 -22.32
C GLU B 72 -13.59 29.80 -22.27
N ASP B 73 -12.70 30.73 -21.90
CA ASP B 73 -11.28 30.47 -21.76
C ASP B 73 -10.92 29.91 -20.39
N ILE B 74 -11.82 30.04 -19.41
CA ILE B 74 -11.55 29.68 -18.02
C ILE B 74 -12.33 28.40 -17.71
N PHE B 75 -11.63 27.43 -17.10
CA PHE B 75 -12.22 26.16 -16.64
C PHE B 75 -12.26 26.22 -15.11
N TYR B 76 -13.45 26.38 -14.53
CA TYR B 76 -13.61 26.59 -13.10
C TYR B 76 -14.23 25.36 -12.44
N THR B 77 -13.60 24.87 -11.35
CA THR B 77 -14.06 23.70 -10.62
C THR B 77 -14.53 24.05 -9.21
N SER B 78 -15.66 23.49 -8.81
CA SER B 78 -16.05 23.49 -7.41
C SER B 78 -16.41 22.07 -7.01
N LYS B 79 -16.66 21.87 -5.71
CA LYS B 79 -16.88 20.52 -5.19
C LYS B 79 -18.03 20.56 -4.19
N LEU B 80 -18.86 19.49 -4.23
CA LEU B 80 -19.96 19.27 -3.30
C LEU B 80 -19.42 18.73 -1.98
N TRP B 81 -19.68 19.42 -0.87
CA TRP B 81 -19.06 19.01 0.39
C TRP B 81 -19.85 17.86 1.02
N SER B 82 -19.18 17.14 1.92
CA SER B 82 -19.67 15.84 2.37
C SER B 82 -20.96 15.93 3.18
N THR B 83 -21.33 17.10 3.68
CA THR B 83 -22.58 17.24 4.42
C THR B 83 -23.78 17.43 3.51
N PHE B 84 -23.58 17.52 2.19
CA PHE B 84 -24.67 17.71 1.24
C PHE B 84 -24.83 16.52 0.28
N HIS B 85 -24.50 15.31 0.76
CA HIS B 85 -24.56 14.13 -0.12
C HIS B 85 -25.99 13.68 -0.38
N ARG B 86 -26.90 13.93 0.53
CA ARG B 86 -28.28 13.49 0.33
C ARG B 86 -28.84 14.18 -0.91
N PRO B 87 -29.50 13.45 -1.82
CA PRO B 87 -29.77 14.00 -3.17
C PRO B 87 -30.56 15.29 -3.19
N GLU B 88 -31.48 15.49 -2.25
CA GLU B 88 -32.25 16.73 -2.25
C GLU B 88 -31.39 17.95 -1.92
N LEU B 89 -30.18 17.77 -1.39
CA LEU B 89 -29.30 18.90 -1.08
C LEU B 89 -28.30 19.22 -2.19
N VAL B 90 -28.22 18.42 -3.24
CA VAL B 90 -27.10 18.52 -4.17
C VAL B 90 -27.25 19.75 -5.07
N ARG B 91 -28.38 19.90 -5.77
CA ARG B 91 -28.56 21.10 -6.58
C ARG B 91 -28.54 22.37 -5.74
N PRO B 92 -29.23 22.46 -4.60
CA PRO B 92 -29.10 23.65 -3.76
C PRO B 92 -27.66 23.96 -3.34
N ALA B 93 -26.81 22.94 -3.14
CA ALA B 93 -25.42 23.24 -2.81
C ALA B 93 -24.70 23.90 -3.99
N LEU B 94 -24.96 23.41 -5.20
CA LEU B 94 -24.35 24.01 -6.39
C LEU B 94 -24.86 25.42 -6.63
N GLU B 95 -26.19 25.61 -6.54
CA GLU B 95 -26.74 26.95 -6.70
C GLU B 95 -26.13 27.94 -5.73
N ASN B 96 -25.85 27.49 -4.50
CA ASN B 96 -25.25 28.38 -3.50
C ASN B 96 -23.81 28.72 -3.87
N SER B 97 -23.07 27.73 -4.39
CA SER B 97 -21.71 27.99 -4.83
C SER B 97 -21.67 28.96 -6.00
N LEU B 98 -22.60 28.80 -6.95
CA LEU B 98 -22.66 29.71 -8.09
C LEU B 98 -23.01 31.12 -7.65
N LYS B 99 -23.92 31.25 -6.67
CA LYS B 99 -24.26 32.59 -6.16
C LYS B 99 -23.07 33.24 -5.48
N LYS B 100 -22.33 32.49 -4.66
CA LYS B 100 -21.18 33.05 -3.97
C LYS B 100 -20.13 33.49 -4.98
N ALA B 101 -19.91 32.72 -6.03
CA ALA B 101 -18.90 33.07 -7.02
C ALA B 101 -19.41 34.00 -8.11
N GLN B 102 -20.73 34.22 -8.17
CA GLN B 102 -21.38 35.03 -9.20
C GLN B 102 -21.00 34.55 -10.61
N LEU B 103 -21.08 33.25 -10.80
CA LEU B 103 -20.98 32.63 -12.11
C LEU B 103 -22.30 31.96 -12.46
N ASP B 104 -22.54 31.79 -13.76
CA ASP B 104 -23.74 31.13 -14.23
C ASP B 104 -23.62 29.61 -14.28
N TYR B 105 -22.40 29.08 -14.33
CA TYR B 105 -22.14 27.64 -14.36
C TYR B 105 -20.70 27.38 -13.92
N VAL B 106 -20.45 26.14 -13.43
CA VAL B 106 -19.09 25.65 -13.24
C VAL B 106 -18.74 24.72 -14.38
N ASP B 107 -17.47 24.77 -14.82
CA ASP B 107 -17.04 23.81 -15.82
C ASP B 107 -16.98 22.40 -15.22
N LEU B 108 -16.74 22.29 -13.92
CA LEU B 108 -16.56 20.97 -13.30
C LEU B 108 -17.11 21.02 -11.88
N TYR B 109 -17.97 20.04 -11.55
CA TYR B 109 -18.45 19.85 -10.19
C TYR B 109 -18.10 18.45 -9.71
N LEU B 110 -17.49 18.35 -8.54
CA LEU B 110 -17.02 17.09 -8.01
C LEU B 110 -17.69 16.76 -6.69
N ILE B 111 -17.95 15.47 -6.48
CA ILE B 111 -18.15 14.97 -5.12
C ILE B 111 -16.81 15.06 -4.40
N HIS B 112 -16.71 15.92 -3.37
CA HIS B 112 -15.41 16.18 -2.76
C HIS B 112 -14.82 14.91 -2.13
N SER B 113 -15.66 14.09 -1.51
CA SER B 113 -15.13 12.94 -0.78
C SER B 113 -16.24 11.91 -0.62
N PRO B 114 -15.91 10.61 -0.60
CA PRO B 114 -16.94 9.57 -0.45
C PRO B 114 -17.49 9.41 0.96
N MET B 115 -16.89 10.08 1.95
CA MET B 115 -17.25 9.87 3.36
C MET B 115 -18.36 10.86 3.75
N SER B 116 -19.61 10.39 3.62
CA SER B 116 -20.78 11.21 3.94
C SER B 116 -20.80 11.60 5.41
N LEU B 117 -21.16 12.86 5.67
CA LEU B 117 -21.22 13.43 7.01
C LEU B 117 -22.64 13.95 7.29
N LYS B 118 -22.93 14.15 8.57
CA LYS B 118 -24.29 14.53 8.98
C LYS B 118 -24.63 15.93 8.46
N PRO B 119 -25.79 16.12 7.83
CA PRO B 119 -26.16 17.46 7.35
C PRO B 119 -26.26 18.45 8.49
N GLY B 120 -25.95 19.71 8.21
CA GLY B 120 -26.04 20.74 9.21
C GLY B 120 -25.11 21.90 8.91
N GLU B 121 -25.01 22.80 9.89
CA GLU B 121 -24.38 24.10 9.71
C GLU B 121 -22.87 24.07 9.83
N GLU B 122 -22.29 22.95 10.24
CA GLU B 122 -20.84 22.87 10.38
C GLU B 122 -20.25 22.11 9.21
N LEU B 123 -19.06 22.53 8.79
CA LEU B 123 -18.31 21.77 7.80
C LEU B 123 -18.09 20.35 8.28
N SER B 124 -17.85 20.19 9.57
CA SER B 124 -17.51 18.90 10.16
C SER B 124 -18.31 18.78 11.47
N PRO B 125 -19.54 18.27 11.40
CA PRO B 125 -20.38 18.19 12.60
C PRO B 125 -19.84 17.16 13.59
N THR B 126 -19.66 17.58 14.83
CA THR B 126 -19.10 16.77 15.88
C THR B 126 -20.10 16.65 17.03
N ASP B 127 -19.93 15.64 17.89
CA ASP B 127 -20.83 15.50 19.01
C ASP B 127 -20.10 15.82 20.31
N GLU B 128 -20.68 15.37 21.42
CA GLU B 128 -20.24 15.74 22.76
C GLU B 128 -18.79 15.39 23.04
N ASN B 129 -18.24 14.32 22.43
CA ASN B 129 -16.88 13.88 22.73
C ASN B 129 -15.83 14.41 21.78
N GLY B 130 -16.23 14.94 20.62
CA GLY B 130 -15.31 15.33 19.59
C GLY B 130 -15.31 14.41 18.39
N LYS B 131 -16.05 13.30 18.41
CA LYS B 131 -16.13 12.44 17.23
C LYS B 131 -17.05 13.07 16.20
N VAL B 132 -16.63 13.04 14.95
CA VAL B 132 -17.36 13.63 13.84
C VAL B 132 -18.48 12.68 13.43
N ILE B 133 -19.69 13.21 13.31
CA ILE B 133 -20.87 12.38 13.11
C ILE B 133 -20.96 12.00 11.64
N PHE B 134 -20.95 10.70 11.37
CA PHE B 134 -20.98 10.17 10.01
C PHE B 134 -22.41 10.14 9.48
N ASP B 135 -22.54 9.88 8.18
CA ASP B 135 -23.83 9.70 7.57
C ASP B 135 -23.80 8.50 6.63
N ILE B 136 -24.96 7.87 6.46
CA ILE B 136 -25.07 6.65 5.65
C ILE B 136 -25.89 7.02 4.42
N VAL B 137 -25.21 7.14 3.28
CA VAL B 137 -25.83 7.59 2.03
C VAL B 137 -25.36 6.69 0.90
N ASP B 138 -26.31 6.20 0.11
CA ASP B 138 -25.95 5.52 -1.14
C ASP B 138 -25.38 6.55 -2.09
N LEU B 139 -24.09 6.48 -2.35
CA LEU B 139 -23.46 7.48 -3.20
C LEU B 139 -23.96 7.39 -4.65
N CYS B 140 -24.61 6.28 -5.02
CA CYS B 140 -25.23 6.20 -6.34
C CYS B 140 -26.38 7.19 -6.46
N THR B 141 -27.12 7.41 -5.38
CA THR B 141 -28.18 8.41 -5.45
C THR B 141 -27.59 9.82 -5.51
N THR B 142 -26.46 10.05 -4.82
CA THR B 142 -25.78 11.35 -4.95
C THR B 142 -25.42 11.63 -6.41
N TRP B 143 -24.91 10.61 -7.10
CA TRP B 143 -24.47 10.77 -8.48
C TRP B 143 -25.64 11.07 -9.41
N GLU B 144 -26.78 10.39 -9.21
CA GLU B 144 -27.98 10.73 -9.97
C GLU B 144 -28.31 12.21 -9.86
N ALA B 145 -28.22 12.78 -8.66
CA ALA B 145 -28.46 14.21 -8.50
C ALA B 145 -27.37 15.04 -9.16
N MET B 146 -26.13 14.54 -9.21
CA MET B 146 -25.09 15.26 -9.95
C MET B 146 -25.42 15.29 -11.44
N GLU B 147 -25.95 14.17 -11.97
CA GLU B 147 -26.31 14.10 -13.38
C GLU B 147 -27.40 15.09 -13.74
N LYS B 148 -28.37 15.29 -12.84
CA LYS B 148 -29.39 16.31 -13.07
C LYS B 148 -28.84 17.73 -13.06
N CYS B 149 -27.68 17.95 -12.43
CA CYS B 149 -27.06 19.27 -12.49
C CYS B 149 -26.44 19.52 -13.86
N LYS B 150 -25.83 18.49 -14.46
CA LYS B 150 -25.29 18.64 -15.81
C LYS B 150 -26.42 18.86 -16.81
N ASP B 151 -27.53 18.13 -16.67
CA ASP B 151 -28.68 18.32 -17.55
C ASP B 151 -29.18 19.75 -17.51
N ALA B 152 -29.19 20.39 -16.33
CA ALA B 152 -29.69 21.76 -16.22
C ALA B 152 -28.72 22.83 -16.70
N GLY B 153 -27.49 22.45 -17.07
CA GLY B 153 -26.52 23.43 -17.50
C GLY B 153 -25.79 24.17 -16.38
N LEU B 154 -26.00 23.77 -15.13
CA LEU B 154 -25.29 24.43 -14.02
C LEU B 154 -23.87 23.91 -13.85
N ALA B 155 -23.58 22.71 -14.35
CA ALA B 155 -22.23 22.17 -14.42
C ALA B 155 -22.04 21.59 -15.81
N LYS B 156 -20.98 22.02 -16.51
CA LYS B 156 -20.69 21.47 -17.83
C LYS B 156 -20.25 20.01 -17.74
N SER B 157 -19.39 19.66 -16.77
CA SER B 157 -18.99 18.28 -16.52
C SER B 157 -19.09 17.96 -15.04
N ILE B 158 -19.18 16.67 -14.72
CA ILE B 158 -19.24 16.20 -13.34
C ILE B 158 -18.23 15.07 -13.12
N GLY B 159 -17.74 14.98 -11.90
CA GLY B 159 -16.72 14.01 -11.54
C GLY B 159 -16.69 13.76 -10.05
N VAL B 160 -15.66 13.01 -9.62
CA VAL B 160 -15.51 12.63 -8.22
C VAL B 160 -14.08 12.94 -7.75
N SER B 161 -13.86 12.83 -6.43
CA SER B 161 -12.55 13.09 -5.82
C SER B 161 -12.39 12.17 -4.60
N ASN B 162 -11.16 11.65 -4.42
CA ASN B 162 -10.79 10.78 -3.29
C ASN B 162 -11.56 9.46 -3.30
N PHE B 163 -11.96 8.99 -4.49
CA PHE B 163 -12.52 7.66 -4.67
C PHE B 163 -11.43 6.63 -4.95
N ASN B 164 -11.56 5.44 -4.37
CA ASN B 164 -10.71 4.32 -4.76
C ASN B 164 -11.37 3.55 -5.90
N ARG B 165 -10.70 2.47 -6.33
CA ARG B 165 -11.17 1.70 -7.48
C ARG B 165 -12.56 1.14 -7.25
N ARG B 166 -12.80 0.54 -6.08
CA ARG B 166 -14.09 -0.10 -5.83
C ARG B 166 -15.22 0.93 -5.86
N GLN B 167 -14.98 2.12 -5.30
CA GLN B 167 -15.99 3.17 -5.31
C GLN B 167 -16.27 3.69 -6.71
N LEU B 168 -15.23 3.74 -7.57
CA LEU B 168 -15.47 4.10 -8.96
C LEU B 168 -16.36 3.08 -9.66
N GLU B 169 -16.08 1.78 -9.47
CA GLU B 169 -16.82 0.73 -10.17
C GLU B 169 -18.28 0.67 -9.76
N MET B 170 -18.57 0.96 -8.49
CA MET B 170 -19.96 1.04 -8.03
C MET B 170 -20.74 2.09 -8.83
N ILE B 171 -20.08 3.19 -9.21
CA ILE B 171 -20.71 4.20 -10.07
C ILE B 171 -20.81 3.72 -11.51
N LEU B 172 -19.71 3.18 -12.04
CA LEU B 172 -19.67 2.76 -13.43
C LEU B 172 -20.67 1.63 -13.71
N ASN B 173 -20.90 0.75 -12.73
CA ASN B 173 -21.82 -0.36 -12.89
C ASN B 173 -23.25 -0.03 -12.47
N LYS B 174 -23.55 1.24 -12.18
CA LYS B 174 -24.89 1.61 -11.71
C LYS B 174 -25.90 1.40 -12.82
N PRO B 175 -27.06 0.78 -12.54
CA PRO B 175 -28.09 0.65 -13.57
C PRO B 175 -28.66 2.01 -13.98
N GLY B 176 -28.75 2.21 -15.29
CA GLY B 176 -29.29 3.45 -15.82
C GLY B 176 -28.34 4.63 -15.79
N LEU B 177 -27.05 4.39 -15.59
CA LEU B 177 -26.06 5.46 -15.62
C LEU B 177 -26.22 6.31 -16.88
N LYS B 178 -26.26 7.63 -16.69
CA LYS B 178 -26.32 8.57 -17.80
C LYS B 178 -24.97 9.20 -18.12
N TYR B 179 -24.15 9.49 -17.11
CA TYR B 179 -22.86 10.16 -17.32
C TYR B 179 -21.82 9.54 -16.41
N LYS B 180 -20.71 9.06 -17.00
CA LYS B 180 -19.59 8.61 -16.19
C LYS B 180 -18.90 9.81 -15.56
N PRO B 181 -18.21 9.61 -14.43
CA PRO B 181 -17.31 10.68 -13.96
C PRO B 181 -16.26 10.97 -15.02
N VAL B 182 -16.05 12.26 -15.30
CA VAL B 182 -14.97 12.63 -16.22
C VAL B 182 -13.59 12.51 -15.56
N CYS B 183 -13.49 12.50 -14.24
CA CYS B 183 -12.19 12.54 -13.57
C CYS B 183 -12.32 12.00 -12.17
N ASN B 184 -11.19 11.61 -11.61
CA ASN B 184 -11.03 11.30 -10.19
C ASN B 184 -9.84 12.14 -9.69
N GLN B 185 -10.11 13.14 -8.84
CA GLN B 185 -9.05 14.02 -8.32
C GLN B 185 -8.55 13.44 -6.99
N VAL B 186 -7.30 13.01 -6.96
CA VAL B 186 -6.76 12.27 -5.81
C VAL B 186 -5.36 12.78 -5.49
N GLU B 187 -4.88 12.44 -4.29
CA GLU B 187 -3.50 12.76 -3.94
C GLU B 187 -2.53 11.96 -4.79
N CYS B 188 -1.61 12.65 -5.46
CA CYS B 188 -0.73 11.99 -6.42
C CYS B 188 0.57 12.76 -6.57
N HIS B 189 1.71 12.08 -6.35
CA HIS B 189 3.04 12.68 -6.38
C HIS B 189 4.10 11.57 -6.41
N PRO B 190 5.39 11.88 -6.62
CA PRO B 190 6.38 10.80 -6.78
C PRO B 190 6.53 9.86 -5.59
N TYR B 191 6.08 10.26 -4.40
CA TYR B 191 6.12 9.37 -3.24
C TYR B 191 4.87 8.51 -3.10
N PHE B 192 3.85 8.76 -3.93
CA PHE B 192 2.55 8.11 -3.93
C PHE B 192 1.96 8.30 -5.32
N ASN B 193 2.52 7.60 -6.32
CA ASN B 193 2.29 7.96 -7.72
C ASN B 193 1.05 7.32 -8.33
N ARG B 194 0.39 6.42 -7.60
CA ARG B 194 -0.93 5.90 -7.99
C ARG B 194 -0.91 5.16 -9.32
N SER B 195 0.21 4.51 -9.66
CA SER B 195 0.33 3.85 -10.96
C SER B 195 -0.83 2.88 -11.24
N LYS B 196 -1.22 2.11 -10.23
CA LYS B 196 -2.28 1.12 -10.45
C LYS B 196 -3.64 1.81 -10.65
N LEU B 197 -3.98 2.78 -9.80
CA LEU B 197 -5.24 3.50 -9.99
C LEU B 197 -5.22 4.27 -11.32
N LEU B 198 -4.06 4.81 -11.68
CA LEU B 198 -3.90 5.49 -12.96
C LEU B 198 -4.26 4.57 -14.12
N ASP B 199 -3.71 3.36 -14.13
CA ASP B 199 -3.98 2.41 -15.22
C ASP B 199 -5.46 2.09 -15.29
N PHE B 200 -6.09 1.87 -14.13
CA PHE B 200 -7.52 1.58 -14.11
C PHE B 200 -8.33 2.75 -14.67
N CYS B 201 -7.96 3.98 -14.31
CA CYS B 201 -8.69 5.14 -14.81
C CYS B 201 -8.56 5.26 -16.32
N LYS B 202 -7.32 5.10 -16.84
CA LYS B 202 -7.11 5.09 -18.29
C LYS B 202 -7.97 4.01 -18.96
N SER B 203 -8.08 2.84 -18.34
CA SER B 203 -8.84 1.75 -18.95
C SER B 203 -10.33 2.08 -19.04
N LYS B 204 -10.81 3.05 -18.27
CA LYS B 204 -12.23 3.43 -18.28
C LYS B 204 -12.46 4.82 -18.84
N ASP B 205 -11.42 5.45 -19.39
CA ASP B 205 -11.54 6.80 -19.95
C ASP B 205 -11.95 7.82 -18.88
N ILE B 206 -11.34 7.70 -17.70
CA ILE B 206 -11.45 8.69 -16.63
C ILE B 206 -10.09 9.34 -16.43
N VAL B 207 -10.07 10.66 -16.31
CA VAL B 207 -8.83 11.40 -16.13
C VAL B 207 -8.44 11.40 -14.66
N LEU B 208 -7.17 11.13 -14.36
CA LEU B 208 -6.66 11.29 -13.00
C LEU B 208 -6.13 12.72 -12.86
N VAL B 209 -6.63 13.45 -11.85
CA VAL B 209 -6.19 14.81 -11.54
C VAL B 209 -5.40 14.77 -10.23
N ALA B 210 -4.15 15.25 -10.27
CA ALA B 210 -3.27 15.11 -9.12
C ALA B 210 -3.36 16.33 -8.20
N TYR B 211 -3.61 16.08 -6.92
CA TYR B 211 -3.42 17.12 -5.92
C TYR B 211 -2.27 16.77 -4.98
N SER B 212 -1.80 17.79 -4.26
CA SER B 212 -0.58 17.70 -3.45
C SER B 212 0.59 17.20 -4.29
N ALA B 213 0.60 17.60 -5.55
CA ALA B 213 1.61 17.15 -6.49
C ALA B 213 2.98 17.76 -6.19
N LEU B 214 3.02 18.83 -5.39
CA LEU B 214 4.28 19.42 -4.94
C LEU B 214 4.66 18.95 -3.55
N GLY B 215 3.86 18.08 -2.95
CA GLY B 215 4.17 17.51 -1.66
C GLY B 215 3.33 18.04 -0.52
N SER B 216 2.26 18.78 -0.83
CA SER B 216 1.32 19.36 0.13
C SER B 216 1.88 20.61 0.81
N GLN B 217 1.02 21.35 1.49
CA GLN B 217 1.44 22.55 2.21
C GLN B 217 2.02 22.23 3.57
N ARG B 218 2.11 20.93 3.91
CA ARG B 218 2.72 20.48 5.16
C ARG B 218 2.10 21.18 6.37
N ASP B 219 0.78 21.32 6.33
CA ASP B 219 0.02 21.87 7.44
C ASP B 219 0.11 20.92 8.63
N LYS B 220 0.49 21.44 9.80
CA LYS B 220 0.67 20.61 10.99
C LYS B 220 -0.62 19.98 11.47
N ARG B 221 -1.78 20.56 11.15
CA ARG B 221 -3.05 19.97 11.56
C ARG B 221 -3.34 18.66 10.83
N TRP B 222 -2.70 18.42 9.67
CA TRP B 222 -3.01 17.27 8.83
C TRP B 222 -1.80 16.43 8.49
N VAL B 223 -0.63 17.04 8.39
CA VAL B 223 0.55 16.38 7.84
C VAL B 223 1.61 16.26 8.92
N ASP B 224 2.09 15.04 9.13
CA ASP B 224 3.16 14.75 10.08
C ASP B 224 4.40 15.55 9.70
N PRO B 225 4.94 16.40 10.59
CA PRO B 225 6.13 17.18 10.22
C PRO B 225 7.37 16.34 10.03
N ASN B 226 7.32 15.05 10.35
CA ASN B 226 8.47 14.16 10.19
C ASN B 226 8.54 13.50 8.83
N SER B 227 7.52 13.63 7.98
CA SER B 227 7.57 13.03 6.66
C SER B 227 8.60 13.74 5.79
N PRO B 228 9.11 13.07 4.76
CA PRO B 228 10.13 13.71 3.91
C PRO B 228 9.55 14.84 3.07
N VAL B 229 10.36 15.88 2.88
CA VAL B 229 9.97 17.05 2.10
C VAL B 229 10.18 16.74 0.63
N LEU B 230 9.09 16.60 -0.12
CA LEU B 230 9.21 16.12 -1.51
C LEU B 230 10.15 16.99 -2.32
N LEU B 231 10.08 18.31 -2.15
CA LEU B 231 10.84 19.21 -2.98
C LEU B 231 12.33 19.24 -2.62
N GLU B 232 12.74 18.67 -1.48
CA GLU B 232 14.15 18.50 -1.13
C GLU B 232 14.68 17.12 -1.48
N ASP B 233 13.89 16.30 -2.16
CA ASP B 233 14.33 14.96 -2.52
C ASP B 233 15.56 15.05 -3.42
N PRO B 234 16.62 14.30 -3.12
CA PRO B 234 17.85 14.44 -3.91
C PRO B 234 17.68 14.08 -5.38
N VAL B 235 16.80 13.14 -5.71
CA VAL B 235 16.60 12.79 -7.11
C VAL B 235 15.98 13.95 -7.86
N LEU B 236 14.97 14.60 -7.26
CA LEU B 236 14.35 15.73 -7.91
C LEU B 236 15.34 16.89 -8.05
N CYS B 237 16.21 17.06 -7.07
CA CYS B 237 17.20 18.14 -7.15
C CYS B 237 18.18 17.92 -8.28
N ALA B 238 18.59 16.66 -8.51
CA ALA B 238 19.55 16.35 -9.56
C ALA B 238 18.96 16.56 -10.95
N LEU B 239 17.74 16.06 -11.18
CA LEU B 239 17.09 16.30 -12.46
C LEU B 239 16.85 17.80 -12.69
N ALA B 240 16.63 18.54 -11.61
CA ALA B 240 16.47 20.00 -11.73
C ALA B 240 17.73 20.64 -12.30
N LYS B 241 18.90 20.17 -11.89
CA LYS B 241 20.14 20.75 -12.39
C LYS B 241 20.36 20.40 -13.86
N LYS B 242 20.06 19.15 -14.25
CA LYS B 242 20.22 18.71 -15.63
C LYS B 242 19.44 19.60 -16.61
N HIS B 243 18.14 19.80 -16.36
CA HIS B 243 17.31 20.55 -17.30
C HIS B 243 17.31 22.06 -17.02
N LYS B 244 18.11 22.53 -16.05
CA LYS B 244 18.16 23.95 -15.69
C LYS B 244 16.78 24.47 -15.30
N ARG B 245 16.03 23.67 -14.53
CA ARG B 245 14.75 24.09 -13.96
C ARG B 245 14.79 23.93 -12.43
N THR B 246 13.64 23.63 -11.82
CA THR B 246 13.52 23.51 -10.38
C THR B 246 12.86 22.20 -10.00
N PRO B 247 13.02 21.73 -8.75
CA PRO B 247 12.38 20.49 -8.35
C PRO B 247 10.87 20.50 -8.57
N ALA B 248 10.21 21.61 -8.27
CA ALA B 248 8.77 21.71 -8.47
C ALA B 248 8.41 21.47 -9.94
N LEU B 249 9.16 22.10 -10.85
CA LEU B 249 8.90 21.92 -12.28
C LEU B 249 9.16 20.48 -12.73
N ILE B 250 10.14 19.80 -12.11
CA ILE B 250 10.32 18.39 -12.42
C ILE B 250 9.09 17.59 -11.98
N ALA B 251 8.58 17.87 -10.79
CA ALA B 251 7.45 17.10 -10.27
C ALA B 251 6.18 17.34 -11.09
N LEU B 252 6.02 18.54 -11.65
CA LEU B 252 4.82 18.83 -12.40
C LEU B 252 4.91 18.23 -13.81
N ARG B 253 6.09 18.30 -14.42
CA ARG B 253 6.28 17.70 -15.74
C ARG B 253 6.16 16.19 -15.67
N TYR B 254 6.59 15.59 -14.55
CA TYR B 254 6.44 14.15 -14.34
C TYR B 254 5.00 13.72 -14.54
N GLN B 255 4.05 14.51 -14.02
CA GLN B 255 2.65 14.11 -14.15
C GLN B 255 2.16 14.29 -15.59
N LEU B 256 2.45 15.43 -16.22
CA LEU B 256 2.01 15.67 -17.59
C LEU B 256 2.46 14.56 -18.53
N GLN B 257 3.68 14.05 -18.35
CA GLN B 257 4.18 13.03 -19.28
C GLN B 257 3.62 11.64 -19.03
N ARG B 258 2.92 11.40 -17.93
CA ARG B 258 2.27 10.12 -17.74
C ARG B 258 0.75 10.22 -17.91
N GLY B 259 0.27 11.32 -18.49
CA GLY B 259 -1.15 11.49 -18.77
C GLY B 259 -1.96 11.97 -17.60
N VAL B 260 -1.33 12.55 -16.59
CA VAL B 260 -2.04 13.03 -15.39
C VAL B 260 -2.23 14.54 -15.49
N VAL B 261 -3.44 15.01 -15.19
CA VAL B 261 -3.70 16.45 -15.06
C VAL B 261 -3.26 16.90 -13.67
N VAL B 262 -2.50 18.00 -13.59
CA VAL B 262 -1.78 18.34 -12.36
C VAL B 262 -2.20 19.72 -11.86
N LEU B 263 -2.47 19.81 -10.56
CA LEU B 263 -2.75 21.06 -9.88
C LEU B 263 -1.49 21.61 -9.23
N ALA B 264 -1.40 22.94 -9.09
CA ALA B 264 -0.28 23.55 -8.39
C ALA B 264 -0.79 24.75 -7.59
N LYS B 265 -0.77 24.65 -6.26
CA LYS B 265 -1.08 25.81 -5.43
C LYS B 265 0.17 26.65 -5.22
N SER B 266 0.01 27.96 -5.32
CA SER B 266 1.06 28.90 -4.95
C SER B 266 0.44 30.27 -4.73
N TYR B 267 0.74 30.90 -3.60
CA TYR B 267 0.31 32.26 -3.32
C TYR B 267 1.48 33.25 -3.43
N ASN B 268 2.55 32.86 -4.13
CA ASN B 268 3.74 33.69 -4.35
C ASN B 268 3.86 34.09 -5.82
N GLU B 269 4.03 35.40 -6.07
CA GLU B 269 3.97 35.89 -7.45
C GLU B 269 5.04 35.26 -8.34
N GLN B 270 6.25 35.07 -7.81
CA GLN B 270 7.31 34.51 -8.64
C GLN B 270 7.08 33.02 -8.91
N ARG B 271 6.65 32.29 -7.89
CA ARG B 271 6.44 30.86 -8.06
C ARG B 271 5.22 30.57 -8.94
N ILE B 272 4.17 31.39 -8.83
CA ILE B 272 3.03 31.27 -9.75
C ILE B 272 3.48 31.37 -11.19
N ARG B 273 4.37 32.32 -11.48
CA ARG B 273 4.83 32.51 -12.86
C ARG B 273 5.80 31.41 -13.28
N GLN B 274 6.61 30.92 -12.36
CA GLN B 274 7.53 29.83 -12.69
C GLN B 274 6.80 28.55 -13.06
N ASN B 275 5.62 28.33 -12.48
CA ASN B 275 5.01 27.01 -12.64
C ASN B 275 4.48 26.80 -14.05
N VAL B 276 4.17 27.88 -14.77
CA VAL B 276 3.75 27.72 -16.16
C VAL B 276 4.90 27.34 -17.08
N GLN B 277 6.15 27.35 -16.59
CA GLN B 277 7.29 26.89 -17.37
C GLN B 277 7.26 25.40 -17.64
N VAL B 278 6.26 24.67 -17.13
CA VAL B 278 6.23 23.23 -17.32
C VAL B 278 6.07 22.87 -18.79
N PHE B 279 5.52 23.78 -19.59
CA PHE B 279 5.30 23.51 -21.01
C PHE B 279 6.55 23.76 -21.85
N GLU B 280 7.66 24.15 -21.23
CA GLU B 280 8.86 24.61 -21.93
C GLU B 280 9.94 23.55 -22.10
N PHE B 281 9.83 22.39 -21.44
CA PHE B 281 10.91 21.42 -21.43
C PHE B 281 10.33 20.01 -21.28
N GLN B 282 11.21 19.01 -21.33
CA GLN B 282 10.82 17.61 -21.31
C GLN B 282 11.75 16.80 -20.42
N LEU B 283 11.25 15.66 -19.95
CA LEU B 283 12.05 14.67 -19.25
C LEU B 283 12.31 13.48 -20.16
N THR B 284 13.51 12.92 -20.08
CA THR B 284 13.83 11.73 -20.86
C THR B 284 13.13 10.50 -20.26
N ALA B 285 13.06 9.42 -21.06
CA ALA B 285 12.50 8.17 -20.56
C ALA B 285 13.30 7.66 -19.36
N GLU B 286 14.61 7.88 -19.35
CA GLU B 286 15.42 7.53 -18.20
C GLU B 286 15.11 8.42 -17.01
N ASP B 287 14.88 9.71 -17.25
CA ASP B 287 14.44 10.60 -16.17
C ASP B 287 13.16 10.06 -15.52
N MET B 288 12.17 9.73 -16.35
CA MET B 288 10.89 9.25 -15.82
C MET B 288 11.06 7.98 -14.98
N LYS B 289 11.96 7.07 -15.39
CA LYS B 289 12.18 5.85 -14.62
C LYS B 289 12.76 6.16 -13.24
N ALA B 290 13.65 7.14 -13.16
CA ALA B 290 14.24 7.47 -11.85
C ALA B 290 13.20 8.09 -10.92
N ILE B 291 12.28 8.90 -11.45
CA ILE B 291 11.20 9.42 -10.62
C ILE B 291 10.26 8.28 -10.21
N ASP B 292 9.95 7.37 -11.15
CA ASP B 292 9.13 6.19 -10.84
C ASP B 292 9.64 5.43 -9.63
N GLY B 293 10.97 5.35 -9.47
CA GLY B 293 11.58 4.61 -8.37
C GLY B 293 11.42 5.22 -6.99
N LEU B 294 10.89 6.45 -6.90
CA LEU B 294 10.71 7.11 -5.61
C LEU B 294 9.44 6.66 -4.89
N ASP B 295 8.53 5.99 -5.60
CA ASP B 295 7.22 5.61 -5.06
C ASP B 295 7.37 4.85 -3.75
N ARG B 296 6.67 5.33 -2.72
CA ARG B 296 6.77 4.78 -1.36
C ARG B 296 5.42 4.43 -0.76
N ASN B 297 4.32 4.71 -1.46
CA ASN B 297 2.97 4.68 -0.88
C ASN B 297 2.83 5.64 0.32
N LEU B 298 3.54 6.77 0.30
CA LEU B 298 3.41 7.76 1.37
C LEU B 298 2.31 8.75 0.99
N HIS B 299 1.20 8.71 1.71
CA HIS B 299 0.23 9.80 1.57
C HIS B 299 0.36 10.72 2.77
N TYR B 300 0.41 12.02 2.49
CA TYR B 300 0.78 13.02 3.49
C TYR B 300 -0.36 13.29 4.47
N PHE B 301 -1.60 13.11 4.04
CA PHE B 301 -2.79 13.46 4.81
C PHE B 301 -3.02 12.40 5.88
N ASN B 302 -3.08 12.83 7.14
CA ASN B 302 -3.32 11.92 8.27
C ASN B 302 -4.82 11.77 8.44
N SER B 303 -5.38 10.86 7.65
CA SER B 303 -6.81 10.62 7.60
C SER B 303 -7.22 9.43 8.47
N ASP B 304 -6.32 8.94 9.31
CA ASP B 304 -6.65 7.75 10.10
C ASP B 304 -7.71 8.01 11.14
N SER B 305 -7.89 9.27 11.54
CA SER B 305 -9.02 9.63 12.38
C SER B 305 -10.36 9.22 11.75
N PHE B 306 -10.39 9.00 10.44
CA PHE B 306 -11.62 8.65 9.74
C PHE B 306 -11.60 7.21 9.21
N ALA B 307 -10.62 6.40 9.62
CA ALA B 307 -10.53 5.03 9.13
C ALA B 307 -11.77 4.21 9.43
N SER B 308 -12.57 4.60 10.43
CA SER B 308 -13.77 3.85 10.77
C SER B 308 -14.95 4.13 9.86
N HIS B 309 -14.87 5.15 9.00
CA HIS B 309 -16.00 5.44 8.11
C HIS B 309 -16.17 4.31 7.11
N PRO B 310 -17.39 3.80 6.90
CA PRO B 310 -17.59 2.72 5.92
C PRO B 310 -17.02 3.02 4.54
N ASN B 311 -16.94 4.30 4.15
CA ASN B 311 -16.43 4.66 2.84
C ASN B 311 -15.03 5.27 2.90
N TYR B 312 -14.28 5.02 3.98
CA TYR B 312 -12.87 5.36 4.04
C TYR B 312 -12.18 4.88 2.76
N PRO B 313 -11.50 5.75 2.02
CA PRO B 313 -10.97 5.34 0.71
C PRO B 313 -9.64 4.62 0.77
N TYR B 314 -8.93 4.69 1.89
CA TYR B 314 -7.67 3.96 2.00
C TYR B 314 -7.88 2.64 2.73
PA NAP C . 16.21 -15.02 1.83
O1A NAP C . 16.30 -15.52 3.19
O2A NAP C . 15.50 -13.68 1.50
O5B NAP C . 17.82 -14.96 1.42
C5B NAP C . 17.81 -15.02 0.02
C4B NAP C . 19.22 -15.10 -0.55
O4B NAP C . 20.18 -14.42 0.24
C3B NAP C . 19.59 -16.61 -0.61
O3B NAP C . 19.32 -17.09 -1.89
C2B NAP C . 21.14 -16.62 -0.31
O2B NAP C . 21.89 -17.07 -1.36
C1B NAP C . 21.44 -15.09 0.01
N9A NAP C . 22.20 -14.95 1.24
C8A NAP C . 22.01 -15.64 2.45
N7A NAP C . 22.89 -15.26 3.40
C5A NAP C . 23.69 -14.28 2.77
C6A NAP C . 24.77 -13.52 3.23
N6A NAP C . 25.24 -13.65 4.53
N1A NAP C . 25.40 -12.60 2.40
C2A NAP C . 24.88 -12.52 1.12
N3A NAP C . 23.86 -13.20 0.56
C4A NAP C . 23.26 -14.09 1.42
O3 NAP C . 15.55 -16.22 0.94
PN NAP C . 14.00 -16.67 0.88
O1N NAP C . 13.95 -18.07 0.45
O2N NAP C . 13.15 -15.61 0.29
O5D NAP C . 13.30 -16.66 2.52
C5D NAP C . 13.97 -17.62 3.25
C4D NAP C . 12.99 -18.74 3.73
O4D NAP C . 11.70 -18.23 4.13
C3D NAP C . 12.70 -19.74 2.60
O3D NAP C . 13.78 -20.59 2.46
C2D NAP C . 11.45 -20.45 3.21
O2D NAP C . 11.84 -21.26 4.26
C1D NAP C . 10.71 -19.22 3.87
N1N NAP C . 9.70 -18.64 2.93
C2N NAP C . 8.36 -18.77 3.24
C3N NAP C . 7.40 -18.26 2.39
C7N NAP C . 5.98 -18.42 2.75
O7N NAP C . 5.09 -18.27 1.89
N7N NAP C . 5.63 -18.67 4.04
C4N NAP C . 7.78 -17.57 1.22
C5N NAP C . 9.13 -17.44 0.94
C6N NAP C . 10.09 -17.96 1.78
P2B NAP C . 23.01 -18.40 -1.16
O1X NAP C . 22.00 -19.52 -0.83
O2X NAP C . 23.77 -18.51 -2.46
O3X NAP C . 23.70 -17.92 0.11
C10 CJ2 D . 9.53 -15.62 -2.64
C11 CJ2 D . 7.17 -15.82 -2.28
C14 CJ2 D . 9.41 -12.94 -2.08
C16 CJ2 D . 5.87 -19.84 -1.57
C20 CJ2 D . 2.77 -19.97 -1.60
C22 CJ2 D . 1.48 -19.66 -2.00
C23 CJ2 D . 1.82 -17.35 -1.35
C24 CJ2 D . 1.00 -18.36 -1.87
C25 CJ2 D . 1.32 -15.92 -1.20
C01 CJ2 D . 7.71 -20.58 0.20
C02 CJ2 D . 7.29 -20.09 -1.08
C06 CJ2 D . 8.50 -19.31 -3.09
C07 CJ2 D . 8.46 -17.79 -2.85
C08 CJ2 D . 9.60 -17.00 -2.89
C09 CJ2 D . 7.25 -17.16 -2.53
C12 CJ2 D . 8.31 -15.02 -2.35
C19 CJ2 D . 3.58 -18.96 -1.09
C21 CJ2 D . 3.10 -17.66 -0.97
F26 CJ2 D . 0.40 -15.84 -0.19
F27 CJ2 D . 2.36 -15.08 -0.88
F28 CJ2 D . 0.73 -15.50 -2.36
N03 CJ2 D . 9.06 -20.61 0.17
N04 CJ2 D . 8.41 -19.86 -1.76
N05 CJ2 D . 9.45 -20.17 -1.01
N18 CJ2 D . 4.94 -19.23 -0.66
O13 CJ2 D . 8.20 -13.64 -2.08
O15 CJ2 D . 6.92 -20.95 1.26
O17 CJ2 D . 5.54 -20.12 -2.68
PA NAP E . 0.69 21.71 -3.52
O1A NAP E . 0.17 22.10 -4.87
O2A NAP E . 1.19 20.27 -3.19
O5B NAP E . 1.92 22.83 -3.41
C5B NAP E . 2.34 22.81 -2.07
C4B NAP E . 3.34 23.99 -1.87
O4B NAP E . 4.21 24.11 -2.96
C3B NAP E . 2.56 25.30 -1.78
O3B NAP E . 2.30 25.55 -0.43
C2B NAP E . 3.55 26.37 -2.37
O2B NAP E . 4.01 27.24 -1.43
C1B NAP E . 4.74 25.47 -2.90
N9A NAP E . 5.18 25.80 -4.25
C8A NAP E . 4.37 26.05 -5.38
N7A NAP E . 5.10 26.26 -6.51
C5A NAP E . 6.44 26.15 -6.07
C6A NAP E . 7.68 26.28 -6.75
N6A NAP E . 7.74 26.55 -8.10
N1A NAP E . 8.87 26.09 -6.10
C2A NAP E . 8.77 25.82 -4.76
N3A NAP E . 7.68 25.68 -3.97
C4A NAP E . 6.50 25.85 -4.68
O3 NAP E . -0.45 22.17 -2.45
PN NAP E . -1.86 21.46 -2.17
O1N NAP E . -2.75 22.50 -1.64
O2N NAP E . -1.69 20.19 -1.43
O5D NAP E . -2.55 20.85 -3.65
C5D NAP E . -2.88 21.91 -4.47
C4D NAP E . -4.42 22.03 -4.65
O4D NAP E . -5.08 20.77 -4.85
C3D NAP E . -5.09 22.67 -3.39
O3D NAP E . -4.83 24.09 -3.34
C2D NAP E . -6.54 22.35 -3.69
O2D NAP E . -7.06 23.17 -4.69
C1D NAP E . -6.38 20.86 -4.30
N1N NAP E . -6.55 19.81 -3.22
C2N NAP E . -7.66 19.01 -3.25
C3N NAP E . -7.86 18.06 -2.27
C7N NAP E . -9.08 17.23 -2.35
O7N NAP E . -9.54 16.65 -1.35
N7N NAP E . -9.70 17.04 -3.57
C4N NAP E . -6.89 17.89 -1.24
C5N NAP E . -5.77 18.70 -1.22
C6N NAP E . -5.59 19.64 -2.20
P2B NAP E . 3.88 29.00 -1.71
O1X NAP E . 2.36 29.21 -1.65
O2X NAP E . 4.73 29.65 -0.65
O3X NAP E . 4.34 29.00 -3.16
C10 CJ2 F . -3.60 17.80 2.35
C11 CJ2 F . -5.52 16.39 2.01
C14 CJ2 F . -1.96 15.79 1.44
C16 CJ2 F . -9.29 18.40 2.02
C20 CJ2 F . -11.55 16.39 2.64
C22 CJ2 F . -12.14 15.29 3.22
C23 CJ2 F . -10.47 13.86 2.26
C24 CJ2 F . -11.60 14.04 3.03
C25 CJ2 F . -9.88 12.45 2.04
C01 CJ2 F . -8.82 20.11 0.05
C02 CJ2 F . -8.55 19.53 1.31
C06 CJ2 F . -6.77 19.88 3.02
C07 CJ2 F . -5.83 18.71 2.67
C08 CJ2 F . -4.44 18.88 2.66
C09 CJ2 F . -6.33 17.45 2.34
C12 CJ2 F . -4.13 16.57 2.02
C19 CJ2 F . -10.42 16.21 1.85
C21 CJ2 F . -9.88 14.95 1.67
F26 CJ2 F . -10.79 11.74 1.31
F27 CJ2 F . -8.72 12.53 1.34
F28 CJ2 F . -9.61 11.83 3.22
N03 CJ2 F . -7.89 21.04 -0.16
N04 CJ2 F . -7.45 20.17 1.76
N05 CJ2 F . -7.08 21.07 0.87
N18 CJ2 F . -9.76 17.31 1.21
O13 CJ2 F . -3.30 15.48 1.68
O15 CJ2 F . -9.85 19.77 -0.83
O17 CJ2 F . -9.46 18.41 3.19
#